data_2V77
#
_entry.id   2V77
#
_cell.length_a   129.565
_cell.length_b   129.565
_cell.length_c   90.856
_cell.angle_alpha   90.00
_cell.angle_beta   90.00
_cell.angle_gamma   90.00
#
_symmetry.space_group_name_H-M   'P 43 21 2'
#
loop_
_entity.id
_entity.type
_entity.pdbx_description
1 polymer 'CARBOXYPEPTIDASE A1'
2 non-polymer 'OCTANE-1,3,5,7-TETRACARBOXYLIC ACID'
3 non-polymer 'ZINC ION'
4 non-polymer '4-(2-HYDROXYETHYL)-1-PIPERAZINE ETHANESULFONIC ACID'
5 water water
#
_entity_poly.entity_id   1
_entity_poly.type   'polypeptide(L)'
_entity_poly.pdbx_seq_one_letter_code
;ARSTDTFNYATYHTLEEIYDFLDLLVAENPHLVSKIQIGNTYEGRPIYVLKFSTGGSKRPAIWIDTGIHSREWVTQASGV
WFAKKITQDYGQDAAFTAILDTLDIFLEIVTNPDGFAFTHSTNRMWRKTRSHTAGSLCIGVDPNRNWDAGFGLSGASSNP
CSETYHGKFANSEVEVKSIVDFVKDHGNIKAFISIHSYSQLLMYPYGYKTEPVPDQDELDQLSKAAVTALASLYGTKFNY
GSIIKAIYQASGSTIDWTYSQGIKYSFTFELRDTGRYGFLLPASQIIPTAKETWLALLTIMEHTLNHPY
;
_entity_poly.pdbx_strand_id   A,B
#
loop_
_chem_comp.id
_chem_comp.type
_chem_comp.name
_chem_comp.formula
EPE non-polymer '4-(2-HYDROXYETHYL)-1-PIPERAZINE ETHANESULFONIC ACID' 'C8 H18 N2 O4 S'
PAY non-polymer 'OCTANE-1,3,5,7-TETRACARBOXYLIC ACID' 'C12 H18 O8'
ZN non-polymer 'ZINC ION' 'Zn 2'
#
# COMPACT_ATOMS: atom_id res chain seq x y z
N ALA A 1 -16.17 10.58 -12.46
CA ALA A 1 -15.94 11.96 -11.95
C ALA A 1 -16.83 12.21 -10.73
N ARG A 2 -17.93 12.93 -10.93
CA ARG A 2 -18.84 13.21 -9.83
C ARG A 2 -19.90 12.11 -9.80
N SER A 3 -20.03 11.38 -10.91
CA SER A 3 -20.97 10.28 -11.03
C SER A 3 -20.41 9.33 -12.08
N THR A 4 -20.93 8.10 -12.14
CA THR A 4 -20.42 7.17 -13.14
C THR A 4 -20.92 7.56 -14.53
N ASP A 5 -21.80 8.54 -14.59
CA ASP A 5 -22.32 9.00 -15.88
C ASP A 5 -21.40 10.07 -16.48
N THR A 6 -20.62 10.73 -15.63
CA THR A 6 -19.71 11.76 -16.11
C THR A 6 -18.28 11.21 -16.24
N PHE A 7 -18.09 9.97 -15.78
CA PHE A 7 -16.80 9.29 -15.82
C PHE A 7 -16.38 9.07 -17.26
N ASN A 8 -15.10 9.25 -17.55
CA ASN A 8 -14.58 9.07 -18.91
C ASN A 8 -14.08 7.65 -19.12
N TYR A 9 -14.88 6.83 -19.82
CA TYR A 9 -14.54 5.44 -20.07
C TYR A 9 -13.56 5.28 -21.23
N ALA A 10 -13.29 6.36 -21.94
CA ALA A 10 -12.39 6.31 -23.09
C ALA A 10 -10.97 6.78 -22.76
N THR A 11 -10.61 6.72 -21.49
CA THR A 11 -9.26 7.12 -21.10
C THR A 11 -8.78 6.19 -20.00
N TYR A 12 -7.46 6.12 -19.82
CA TYR A 12 -6.90 5.27 -18.79
C TYR A 12 -6.86 6.01 -17.46
N HIS A 13 -7.16 5.27 -16.40
CA HIS A 13 -7.24 5.82 -15.05
C HIS A 13 -6.24 5.28 -14.05
N THR A 14 -6.11 6.00 -12.94
CA THR A 14 -5.22 5.63 -11.85
C THR A 14 -5.97 4.70 -10.90
N LEU A 15 -5.25 4.09 -9.97
CA LEU A 15 -5.88 3.21 -9.00
C LEU A 15 -6.93 3.97 -8.20
N GLU A 16 -6.57 5.16 -7.71
CA GLU A 16 -7.50 5.97 -6.93
C GLU A 16 -8.77 6.32 -7.69
N GLU A 17 -8.62 6.62 -8.97
CA GLU A 17 -9.78 6.95 -9.80
C GLU A 17 -10.69 5.76 -9.99
N ILE A 18 -10.12 4.57 -10.15
CA ILE A 18 -10.94 3.38 -10.31
C ILE A 18 -11.61 3.03 -8.97
N TYR A 19 -10.88 3.17 -7.87
CA TYR A 19 -11.50 2.86 -6.58
C TYR A 19 -12.63 3.84 -6.27
N ASP A 20 -12.49 5.09 -6.70
CA ASP A 20 -13.56 6.07 -6.47
C ASP A 20 -14.77 5.66 -7.32
N PHE A 21 -14.49 5.15 -8.52
CA PHE A 21 -15.56 4.70 -9.42
C PHE A 21 -16.34 3.57 -8.75
N LEU A 22 -15.64 2.65 -8.08
CA LEU A 22 -16.31 1.54 -7.41
C LEU A 22 -17.36 2.08 -6.43
N ASP A 23 -16.96 3.04 -5.61
CA ASP A 23 -17.86 3.62 -4.61
C ASP A 23 -19.03 4.36 -5.25
N LEU A 24 -18.78 5.06 -6.35
CA LEU A 24 -19.84 5.78 -7.03
C LEU A 24 -20.85 4.79 -7.61
N LEU A 25 -20.37 3.73 -8.25
CA LEU A 25 -21.26 2.75 -8.86
C LEU A 25 -22.16 2.09 -7.80
N VAL A 26 -21.59 1.80 -6.63
CA VAL A 26 -22.35 1.19 -5.54
C VAL A 26 -23.38 2.18 -5.02
N ALA A 27 -22.97 3.42 -4.78
CA ALA A 27 -23.89 4.43 -4.27
C ALA A 27 -25.07 4.67 -5.21
N GLU A 28 -24.81 4.60 -6.51
CA GLU A 28 -25.83 4.81 -7.52
C GLU A 28 -26.73 3.60 -7.77
N ASN A 29 -26.24 2.41 -7.40
CA ASN A 29 -26.97 1.16 -7.62
C ASN A 29 -26.89 0.30 -6.36
N PRO A 30 -27.33 0.85 -5.22
CA PRO A 30 -27.29 0.15 -3.92
C PRO A 30 -27.97 -1.21 -3.80
N HIS A 31 -28.94 -1.50 -4.66
CA HIS A 31 -29.62 -2.79 -4.59
C HIS A 31 -29.15 -3.78 -5.63
N LEU A 32 -28.19 -3.37 -6.44
CA LEU A 32 -27.67 -4.24 -7.49
C LEU A 32 -26.18 -4.55 -7.32
N VAL A 33 -25.44 -3.56 -6.83
CA VAL A 33 -23.99 -3.70 -6.68
C VAL A 33 -23.49 -3.57 -5.24
N SER A 34 -22.51 -4.40 -4.89
CA SER A 34 -21.91 -4.36 -3.56
C SER A 34 -20.38 -4.41 -3.74
N LYS A 35 -19.65 -3.77 -2.84
CA LYS A 35 -18.19 -3.79 -2.90
C LYS A 35 -17.68 -4.67 -1.77
N ILE A 36 -17.03 -5.76 -2.12
CA ILE A 36 -16.50 -6.70 -1.14
C ILE A 36 -14.98 -6.61 -1.06
N GLN A 37 -14.46 -6.47 0.16
CA GLN A 37 -13.01 -6.44 0.31
C GLN A 37 -12.60 -7.89 0.59
N ILE A 38 -11.81 -8.47 -0.32
CA ILE A 38 -11.37 -9.85 -0.14
C ILE A 38 -9.98 -9.99 0.47
N GLY A 39 -9.33 -8.85 0.74
CA GLY A 39 -8.02 -8.90 1.34
C GLY A 39 -7.30 -7.58 1.22
N ASN A 40 -6.00 -7.60 1.53
CA ASN A 40 -5.14 -6.42 1.40
C ASN A 40 -3.89 -6.88 0.67
N THR A 41 -3.35 -6.01 -0.17
CA THR A 41 -2.15 -6.35 -0.93
C THR A 41 -0.91 -6.39 -0.06
N TYR A 42 0.21 -6.75 -0.66
CA TYR A 42 1.48 -6.80 0.05
C TYR A 42 1.75 -5.45 0.73
N GLU A 43 1.48 -4.36 0.01
CA GLU A 43 1.72 -3.03 0.52
C GLU A 43 0.58 -2.44 1.34
N GLY A 44 -0.44 -3.27 1.61
CA GLY A 44 -1.56 -2.83 2.43
C GLY A 44 -2.78 -2.24 1.76
N ARG A 45 -2.79 -2.20 0.42
CA ARG A 45 -3.95 -1.63 -0.28
C ARG A 45 -5.13 -2.61 -0.25
N PRO A 46 -6.35 -2.07 -0.13
CA PRO A 46 -7.49 -2.99 -0.12
C PRO A 46 -7.69 -3.64 -1.48
N ILE A 47 -8.16 -4.89 -1.49
CA ILE A 47 -8.42 -5.62 -2.73
C ILE A 47 -9.94 -5.72 -2.80
N TYR A 48 -10.54 -5.17 -3.85
CA TYR A 48 -11.98 -5.14 -4.00
C TYR A 48 -12.60 -5.93 -5.14
N VAL A 49 -13.72 -6.57 -4.84
CA VAL A 49 -14.47 -7.32 -5.82
C VAL A 49 -15.89 -6.74 -5.83
N LEU A 50 -16.43 -6.49 -7.01
CA LEU A 50 -17.79 -5.97 -7.12
C LEU A 50 -18.74 -7.15 -7.32
N LYS A 51 -19.81 -7.16 -6.54
CA LYS A 51 -20.81 -8.22 -6.63
C LYS A 51 -22.06 -7.63 -7.27
N PHE A 52 -22.51 -8.23 -8.38
CA PHE A 52 -23.72 -7.79 -9.05
C PHE A 52 -24.71 -8.92 -8.82
N SER A 53 -25.83 -8.60 -8.19
CA SER A 53 -26.84 -9.61 -7.87
C SER A 53 -28.23 -9.03 -7.85
N THR A 54 -29.22 -9.83 -8.27
CA THR A 54 -30.60 -9.37 -8.26
C THR A 54 -31.41 -10.13 -7.21
N GLY A 55 -30.70 -10.77 -6.29
CA GLY A 55 -31.36 -11.50 -5.22
C GLY A 55 -30.84 -12.90 -4.94
N GLY A 56 -31.72 -13.73 -4.38
CA GLY A 56 -31.38 -15.10 -4.08
C GLY A 56 -30.52 -15.38 -2.88
N SER A 57 -30.15 -16.64 -2.74
CA SER A 57 -29.30 -17.10 -1.65
C SER A 57 -28.23 -18.00 -2.25
N LYS A 58 -26.98 -17.55 -2.18
CA LYS A 58 -25.85 -18.31 -2.70
C LYS A 58 -26.08 -18.76 -4.14
N ARG A 59 -26.53 -17.83 -4.98
CA ARG A 59 -26.78 -18.13 -6.39
C ARG A 59 -25.53 -18.55 -7.13
N PRO A 60 -25.67 -19.36 -8.18
CA PRO A 60 -24.51 -19.80 -8.97
C PRO A 60 -23.93 -18.49 -9.50
N ALA A 61 -22.61 -18.44 -9.66
CA ALA A 61 -22.00 -17.18 -10.10
C ALA A 61 -20.93 -17.26 -11.16
N ILE A 62 -20.68 -16.11 -11.76
CA ILE A 62 -19.65 -15.96 -12.77
C ILE A 62 -18.59 -15.07 -12.15
N TRP A 63 -17.33 -15.44 -12.27
CA TRP A 63 -16.24 -14.62 -11.74
C TRP A 63 -15.47 -14.10 -12.94
N ILE A 64 -15.14 -12.81 -12.90
CA ILE A 64 -14.35 -12.17 -13.94
C ILE A 64 -13.30 -11.31 -13.28
N ASP A 65 -12.04 -11.47 -13.67
CA ASP A 65 -10.98 -10.62 -13.13
C ASP A 65 -10.18 -9.99 -14.25
N THR A 66 -9.74 -8.76 -14.01
CA THR A 66 -8.91 -8.02 -14.96
C THR A 66 -7.71 -7.48 -14.16
N GLY A 67 -6.65 -7.14 -14.88
CA GLY A 67 -5.48 -6.58 -14.23
C GLY A 67 -4.64 -7.42 -13.29
N ILE A 68 -4.69 -8.76 -13.41
CA ILE A 68 -3.84 -9.56 -12.54
C ILE A 68 -2.38 -9.18 -12.86
N HIS A 69 -2.12 -8.83 -14.12
CA HIS A 69 -0.80 -8.35 -14.55
C HIS A 69 -1.03 -6.84 -14.76
N SER A 70 -0.38 -6.03 -13.94
CA SER A 70 -0.60 -4.60 -13.94
C SER A 70 -0.44 -3.80 -15.22
N ARG A 71 0.53 -4.16 -16.05
CA ARG A 71 0.78 -3.41 -17.28
C ARG A 71 -0.25 -3.58 -18.38
N GLU A 72 -1.15 -4.56 -18.24
CA GLU A 72 -2.14 -4.82 -19.26
C GLU A 72 -3.34 -3.91 -19.09
N TRP A 73 -3.06 -2.61 -19.17
CA TRP A 73 -4.04 -1.55 -18.96
C TRP A 73 -5.39 -1.65 -19.64
N VAL A 74 -5.46 -2.19 -20.85
CA VAL A 74 -6.75 -2.26 -21.49
C VAL A 74 -7.69 -3.19 -20.73
N THR A 75 -7.13 -4.10 -19.92
CA THR A 75 -8.00 -5.01 -19.15
C THR A 75 -8.70 -4.28 -18.01
N GLN A 76 -7.97 -3.50 -17.22
CA GLN A 76 -8.64 -2.80 -16.12
C GLN A 76 -9.62 -1.77 -16.70
N ALA A 77 -9.25 -1.16 -17.82
CA ALA A 77 -10.11 -0.18 -18.44
C ALA A 77 -11.40 -0.85 -18.92
N SER A 78 -11.25 -2.07 -19.44
CA SER A 78 -12.42 -2.83 -19.89
C SER A 78 -13.25 -3.27 -18.69
N GLY A 79 -12.58 -3.60 -17.59
CA GLY A 79 -13.30 -4.00 -16.38
C GLY A 79 -14.22 -2.90 -15.87
N VAL A 80 -13.73 -1.67 -15.88
CA VAL A 80 -14.54 -0.52 -15.45
C VAL A 80 -15.75 -0.40 -16.37
N TRP A 81 -15.51 -0.53 -17.66
CA TRP A 81 -16.59 -0.46 -18.64
C TRP A 81 -17.62 -1.58 -18.42
N PHE A 82 -17.15 -2.80 -18.14
CA PHE A 82 -18.07 -3.94 -17.90
C PHE A 82 -18.96 -3.63 -16.70
N ALA A 83 -18.36 -3.09 -15.64
CA ALA A 83 -19.11 -2.77 -14.42
C ALA A 83 -20.26 -1.81 -14.76
N LYS A 84 -19.95 -0.74 -15.49
CA LYS A 84 -20.98 0.22 -15.86
C LYS A 84 -22.01 -0.42 -16.79
N LYS A 85 -21.53 -1.22 -17.73
CA LYS A 85 -22.39 -1.90 -18.69
C LYS A 85 -23.44 -2.76 -18.00
N ILE A 86 -23.03 -3.48 -16.96
CA ILE A 86 -23.96 -4.33 -16.21
C ILE A 86 -25.10 -3.49 -15.63
N THR A 87 -24.75 -2.37 -15.01
CA THR A 87 -25.77 -1.53 -14.42
C THR A 87 -26.65 -0.84 -15.47
N GLN A 88 -26.11 -0.64 -16.68
CA GLN A 88 -26.89 -0.01 -17.73
C GLN A 88 -27.84 -0.99 -18.40
N ASP A 89 -27.37 -2.23 -18.62
CA ASP A 89 -28.19 -3.22 -19.28
C ASP A 89 -29.17 -4.02 -18.43
N TYR A 90 -28.92 -4.15 -17.14
CA TYR A 90 -29.87 -4.92 -16.34
C TYR A 90 -31.23 -4.26 -16.32
N GLY A 91 -32.25 -5.02 -16.73
CA GLY A 91 -33.60 -4.49 -16.76
C GLY A 91 -33.96 -3.83 -18.08
N GLN A 92 -32.96 -3.65 -18.95
CA GLN A 92 -33.19 -3.03 -20.24
C GLN A 92 -32.96 -4.04 -21.35
N ASP A 93 -31.82 -4.73 -21.29
CA ASP A 93 -31.49 -5.73 -22.29
C ASP A 93 -32.04 -7.09 -21.87
N ALA A 94 -32.92 -7.65 -22.71
CA ALA A 94 -33.54 -8.94 -22.44
C ALA A 94 -32.57 -10.04 -22.09
N ALA A 95 -31.58 -10.25 -22.95
CA ALA A 95 -30.58 -11.30 -22.77
C ALA A 95 -29.77 -11.16 -21.49
N PHE A 96 -29.29 -9.96 -21.19
CA PHE A 96 -28.49 -9.82 -19.98
C PHE A 96 -29.33 -9.92 -18.72
N THR A 97 -30.54 -9.39 -18.79
CA THR A 97 -31.47 -9.44 -17.65
C THR A 97 -31.69 -10.91 -17.26
N ALA A 98 -31.82 -11.77 -18.26
CA ALA A 98 -32.03 -13.19 -18.01
C ALA A 98 -30.84 -13.78 -17.26
N ILE A 99 -29.64 -13.40 -17.69
CA ILE A 99 -28.43 -13.90 -17.06
C ILE A 99 -28.38 -13.53 -15.58
N LEU A 100 -28.56 -12.23 -15.29
CA LEU A 100 -28.46 -11.77 -13.91
C LEU A 100 -29.65 -12.12 -13.03
N ASP A 101 -30.72 -12.63 -13.63
CA ASP A 101 -31.89 -13.03 -12.86
C ASP A 101 -31.67 -14.42 -12.25
N THR A 102 -30.64 -15.12 -12.71
CA THR A 102 -30.31 -16.44 -12.20
C THR A 102 -28.90 -16.50 -11.63
N LEU A 103 -27.97 -15.80 -12.27
CA LEU A 103 -26.58 -15.80 -11.84
C LEU A 103 -26.14 -14.49 -11.19
N ASP A 104 -25.16 -14.58 -10.30
CA ASP A 104 -24.56 -13.41 -9.67
C ASP A 104 -23.26 -13.25 -10.45
N ILE A 105 -22.73 -12.04 -10.49
CA ILE A 105 -21.45 -11.80 -11.16
C ILE A 105 -20.50 -11.14 -10.18
N PHE A 106 -19.29 -11.69 -10.05
CA PHE A 106 -18.26 -11.12 -9.19
C PHE A 106 -17.16 -10.63 -10.13
N LEU A 107 -16.87 -9.33 -10.03
CA LEU A 107 -15.89 -8.71 -10.91
C LEU A 107 -14.74 -8.02 -10.16
N GLU A 108 -13.52 -8.47 -10.37
CA GLU A 108 -12.36 -7.86 -9.72
C GLU A 108 -11.64 -7.06 -10.80
N ILE A 109 -11.81 -5.74 -10.77
CA ILE A 109 -11.23 -4.85 -11.78
C ILE A 109 -9.73 -4.66 -11.67
N VAL A 110 -9.22 -4.45 -10.47
CA VAL A 110 -7.77 -4.30 -10.29
C VAL A 110 -7.31 -5.45 -9.40
N THR A 111 -6.94 -6.55 -10.04
CA THR A 111 -6.54 -7.75 -9.32
C THR A 111 -5.14 -7.67 -8.69
N ASN A 112 -4.33 -6.73 -9.17
CA ASN A 112 -2.96 -6.51 -8.68
C ASN A 112 -2.80 -4.99 -8.46
N PRO A 113 -3.38 -4.46 -7.35
CA PRO A 113 -3.30 -3.02 -7.05
C PRO A 113 -1.90 -2.44 -6.89
N ASP A 114 -1.02 -3.14 -6.19
CA ASP A 114 0.34 -2.64 -5.98
C ASP A 114 1.04 -2.48 -7.33
N GLY A 115 0.90 -3.49 -8.20
CA GLY A 115 1.51 -3.41 -9.50
C GLY A 115 0.90 -2.28 -10.31
N PHE A 116 -0.42 -2.11 -10.23
CA PHE A 116 -1.09 -1.06 -10.99
C PHE A 116 -0.56 0.32 -10.57
N ALA A 117 -0.47 0.54 -9.26
CA ALA A 117 0.05 1.82 -8.78
C ALA A 117 1.46 2.04 -9.33
N PHE A 118 2.25 0.98 -9.34
CA PHE A 118 3.63 1.05 -9.82
C PHE A 118 3.70 1.37 -11.32
N THR A 119 2.74 0.90 -12.11
CA THR A 119 2.77 1.19 -13.54
C THR A 119 2.49 2.68 -13.79
N HIS A 120 1.86 3.35 -12.84
CA HIS A 120 1.57 4.78 -12.97
C HIS A 120 2.71 5.63 -12.42
N SER A 121 3.34 5.17 -11.35
CA SER A 121 4.39 5.95 -10.71
C SER A 121 5.82 5.73 -11.18
N THR A 122 6.12 4.52 -11.59
CA THR A 122 7.50 4.21 -11.88
C THR A 122 7.86 3.43 -13.14
N ASN A 123 7.07 2.39 -13.43
CA ASN A 123 7.38 1.52 -14.56
C ASN A 123 6.11 1.03 -15.25
N ARG A 124 5.80 1.66 -16.38
CA ARG A 124 4.61 1.34 -17.16
C ARG A 124 4.49 -0.14 -17.52
N MET A 125 5.63 -0.83 -17.56
CA MET A 125 5.66 -2.24 -17.95
C MET A 125 5.70 -3.25 -16.81
N TRP A 126 5.48 -2.79 -15.57
CA TRP A 126 5.50 -3.71 -14.44
C TRP A 126 4.41 -4.76 -14.58
N ARG A 127 4.77 -6.02 -14.33
CA ARG A 127 3.87 -7.17 -14.48
C ARG A 127 3.50 -7.89 -13.18
N LYS A 128 4.50 -8.09 -12.34
CA LYS A 128 4.36 -8.84 -11.09
C LYS A 128 3.73 -8.12 -9.90
N THR A 129 3.73 -8.80 -8.76
CA THR A 129 3.24 -8.19 -7.52
C THR A 129 4.42 -7.34 -7.06
N ARG A 130 4.34 -6.78 -5.86
CA ARG A 130 5.43 -5.95 -5.34
C ARG A 130 5.98 -6.49 -4.01
N SER A 131 5.83 -7.79 -3.79
CA SER A 131 6.30 -8.41 -2.55
C SER A 131 7.82 -8.60 -2.57
N HIS A 132 8.41 -8.76 -1.40
CA HIS A 132 9.86 -8.97 -1.31
C HIS A 132 10.09 -10.49 -1.27
N THR A 133 11.29 -10.92 -1.64
CA THR A 133 11.64 -12.33 -1.60
C THR A 133 12.89 -12.47 -0.74
N ALA A 134 12.77 -13.15 0.39
CA ALA A 134 13.90 -13.33 1.28
C ALA A 134 15.13 -13.83 0.53
N GLY A 135 16.27 -13.21 0.79
CA GLY A 135 17.50 -13.61 0.15
C GLY A 135 17.71 -13.06 -1.25
N SER A 136 16.82 -12.16 -1.67
CA SER A 136 16.94 -11.57 -3.00
C SER A 136 16.62 -10.09 -2.94
N LEU A 137 17.20 -9.31 -3.87
CA LEU A 137 16.94 -7.89 -3.94
C LEU A 137 15.84 -7.64 -4.96
N CYS A 138 15.52 -8.66 -5.76
CA CYS A 138 14.50 -8.52 -6.79
C CYS A 138 13.10 -8.53 -6.19
N ILE A 139 12.23 -7.69 -6.74
CA ILE A 139 10.88 -7.55 -6.22
C ILE A 139 9.77 -8.19 -7.05
N GLY A 140 8.81 -8.79 -6.36
CA GLY A 140 7.65 -9.35 -7.04
C GLY A 140 7.62 -10.79 -7.50
N VAL A 141 6.41 -11.33 -7.54
CA VAL A 141 6.15 -12.69 -7.98
C VAL A 141 5.14 -12.59 -9.13
N ASP A 142 5.23 -13.49 -10.10
CA ASP A 142 4.27 -13.49 -11.20
C ASP A 142 2.99 -14.11 -10.63
N PRO A 143 1.94 -13.31 -10.46
CA PRO A 143 0.69 -13.85 -9.91
C PRO A 143 0.07 -14.95 -10.76
N ASN A 144 0.43 -15.00 -12.04
CA ASN A 144 -0.12 -16.05 -12.90
C ASN A 144 0.78 -17.28 -13.02
N ARG A 145 1.65 -17.48 -12.03
CA ARG A 145 2.52 -18.64 -11.95
C ARG A 145 2.53 -19.09 -10.49
N ASN A 146 1.70 -18.42 -9.68
CA ASN A 146 1.63 -18.66 -8.23
C ASN A 146 0.50 -19.59 -7.75
N TRP A 147 -0.33 -20.09 -8.66
CA TRP A 147 -1.45 -20.95 -8.27
C TRP A 147 -1.03 -22.41 -8.09
N ASP A 148 -1.77 -23.13 -7.26
CA ASP A 148 -1.46 -24.52 -6.95
C ASP A 148 -1.98 -25.54 -7.96
N ALA A 149 -1.48 -25.41 -9.19
CA ALA A 149 -1.81 -26.28 -10.31
C ALA A 149 -0.53 -26.38 -11.12
N GLY A 150 0.20 -27.48 -10.95
CA GLY A 150 1.46 -27.65 -11.65
C GLY A 150 2.47 -26.64 -11.13
N PHE A 151 2.27 -26.18 -9.90
CA PHE A 151 3.15 -25.18 -9.31
C PHE A 151 4.63 -25.56 -9.34
N GLY A 152 5.47 -24.62 -9.77
CA GLY A 152 6.90 -24.83 -9.82
C GLY A 152 7.40 -25.74 -10.92
N LEU A 153 6.49 -26.23 -11.76
CA LEU A 153 6.89 -27.11 -12.85
C LEU A 153 7.24 -26.30 -14.09
N SER A 154 7.71 -27.00 -15.13
CA SER A 154 8.09 -26.34 -16.38
C SER A 154 6.99 -25.35 -16.80
N GLY A 155 7.38 -24.14 -17.15
CA GLY A 155 6.42 -23.13 -17.55
C GLY A 155 6.44 -21.97 -16.56
N ALA A 156 7.46 -21.94 -15.71
CA ALA A 156 7.62 -20.89 -14.72
C ALA A 156 9.09 -20.82 -14.34
N SER A 157 9.52 -19.71 -13.75
CA SER A 157 10.91 -19.55 -13.36
C SER A 157 11.12 -19.54 -11.85
N SER A 158 12.27 -20.07 -11.40
CA SER A 158 12.60 -20.08 -9.99
C SER A 158 13.53 -18.90 -9.66
N ASN A 159 13.82 -18.07 -10.65
CA ASN A 159 14.67 -16.89 -10.49
C ASN A 159 13.77 -15.74 -10.03
N PRO A 160 13.98 -15.24 -8.79
CA PRO A 160 13.17 -14.14 -8.26
C PRO A 160 13.06 -12.92 -9.19
N CYS A 161 14.11 -12.70 -9.96
CA CYS A 161 14.16 -11.56 -10.88
C CYS A 161 13.39 -11.74 -12.18
N SER A 162 13.00 -12.98 -12.46
CA SER A 162 12.27 -13.29 -13.68
C SER A 162 10.85 -12.75 -13.68
N GLU A 163 10.37 -12.40 -14.87
CA GLU A 163 9.01 -11.90 -15.03
C GLU A 163 8.00 -13.00 -14.75
N THR A 164 8.46 -14.25 -14.81
CA THR A 164 7.60 -15.40 -14.56
C THR A 164 7.99 -16.16 -13.30
N TYR A 165 8.59 -15.47 -12.34
CA TYR A 165 8.99 -16.10 -11.08
C TYR A 165 7.71 -16.62 -10.38
N HIS A 166 7.72 -17.90 -10.00
CA HIS A 166 6.55 -18.48 -9.36
C HIS A 166 6.37 -18.22 -7.87
N GLY A 167 7.40 -17.68 -7.21
CA GLY A 167 7.28 -17.43 -5.78
C GLY A 167 7.78 -18.61 -4.97
N LYS A 168 7.92 -18.41 -3.67
CA LYS A 168 8.41 -19.45 -2.75
C LYS A 168 7.54 -20.71 -2.69
N PHE A 169 6.23 -20.51 -2.74
CA PHE A 169 5.29 -21.63 -2.69
C PHE A 169 3.94 -21.17 -3.24
N ALA A 170 3.08 -22.12 -3.59
CA ALA A 170 1.78 -21.77 -4.14
C ALA A 170 0.94 -20.92 -3.18
N ASN A 171 0.33 -19.87 -3.72
CA ASN A 171 -0.51 -18.95 -2.95
C ASN A 171 0.30 -18.05 -2.01
N SER A 172 1.60 -17.95 -2.23
CA SER A 172 2.43 -17.10 -1.38
C SER A 172 1.98 -15.64 -1.48
N GLU A 173 1.49 -15.26 -2.66
CA GLU A 173 1.05 -13.89 -2.86
C GLU A 173 -0.35 -13.67 -2.32
N VAL A 174 -0.50 -12.70 -1.43
CA VAL A 174 -1.79 -12.43 -0.84
C VAL A 174 -2.85 -12.12 -1.89
N GLU A 175 -2.43 -11.53 -3.01
CA GLU A 175 -3.38 -11.19 -4.08
C GLU A 175 -4.01 -12.45 -4.66
N VAL A 176 -3.24 -13.53 -4.66
CA VAL A 176 -3.72 -14.81 -5.16
C VAL A 176 -4.48 -15.56 -4.07
N LYS A 177 -3.92 -15.61 -2.87
CA LYS A 177 -4.58 -16.30 -1.76
C LYS A 177 -5.97 -15.71 -1.46
N SER A 178 -6.10 -14.40 -1.61
CA SER A 178 -7.39 -13.75 -1.35
C SER A 178 -8.47 -14.29 -2.29
N ILE A 179 -8.11 -14.53 -3.54
CA ILE A 179 -9.08 -15.07 -4.50
C ILE A 179 -9.37 -16.53 -4.16
N VAL A 180 -8.31 -17.28 -3.86
CA VAL A 180 -8.47 -18.69 -3.49
C VAL A 180 -9.44 -18.83 -2.32
N ASP A 181 -9.26 -17.99 -1.30
CA ASP A 181 -10.13 -18.03 -0.13
C ASP A 181 -11.56 -17.67 -0.49
N PHE A 182 -11.73 -16.69 -1.38
CA PHE A 182 -13.05 -16.27 -1.80
C PHE A 182 -13.78 -17.38 -2.55
N VAL A 183 -13.09 -18.00 -3.49
CA VAL A 183 -13.67 -19.07 -4.28
C VAL A 183 -14.13 -20.23 -3.40
N LYS A 184 -13.28 -20.62 -2.45
CA LYS A 184 -13.61 -21.72 -1.54
C LYS A 184 -14.77 -21.36 -0.61
N ASP A 185 -14.80 -20.11 -0.16
CA ASP A 185 -15.84 -19.64 0.75
C ASP A 185 -17.18 -19.51 0.03
N HIS A 186 -17.14 -18.99 -1.20
CA HIS A 186 -18.35 -18.83 -1.98
C HIS A 186 -18.92 -20.22 -2.31
N GLY A 187 -18.06 -21.08 -2.84
CA GLY A 187 -18.46 -22.45 -3.15
C GLY A 187 -19.43 -22.71 -4.29
N ASN A 188 -19.86 -21.68 -5.00
CA ASN A 188 -20.79 -21.90 -6.09
C ASN A 188 -20.45 -21.10 -7.34
N ILE A 189 -19.16 -21.04 -7.67
CA ILE A 189 -18.69 -20.33 -8.86
C ILE A 189 -18.79 -21.33 -10.00
N LYS A 190 -19.52 -20.97 -11.04
CA LYS A 190 -19.70 -21.87 -12.18
C LYS A 190 -18.80 -21.55 -13.37
N ALA A 191 -18.40 -20.29 -13.49
CA ALA A 191 -17.51 -19.88 -14.58
C ALA A 191 -16.48 -18.94 -13.97
N PHE A 192 -15.25 -19.04 -14.44
CA PHE A 192 -14.17 -18.20 -13.93
C PHE A 192 -13.38 -17.71 -15.14
N ILE A 193 -13.41 -16.40 -15.35
CA ILE A 193 -12.76 -15.79 -16.50
C ILE A 193 -11.69 -14.79 -16.08
N SER A 194 -10.44 -15.10 -16.38
CA SER A 194 -9.31 -14.24 -16.02
C SER A 194 -8.84 -13.53 -17.30
N ILE A 195 -8.95 -12.21 -17.30
CA ILE A 195 -8.62 -11.42 -18.48
C ILE A 195 -7.24 -10.76 -18.50
N HIS A 196 -6.56 -10.96 -19.63
CA HIS A 196 -5.22 -10.43 -19.89
C HIS A 196 -5.21 -9.75 -21.26
N SER A 197 -4.04 -9.21 -21.61
CA SER A 197 -3.75 -8.61 -22.90
C SER A 197 -2.22 -8.79 -23.03
N TYR A 198 -1.68 -8.88 -24.23
CA TYR A 198 -2.38 -8.84 -25.52
C TYR A 198 -2.12 -10.16 -26.23
N SER A 199 -2.75 -10.34 -27.40
CA SER A 199 -2.58 -11.51 -28.28
C SER A 199 -3.84 -11.89 -29.05
N GLN A 200 -4.99 -11.46 -28.57
CA GLN A 200 -6.28 -11.77 -29.21
C GLN A 200 -6.50 -13.29 -29.25
N LEU A 201 -6.67 -13.84 -28.05
CA LEU A 201 -6.88 -15.27 -27.85
C LEU A 201 -7.91 -15.53 -26.76
N LEU A 202 -8.59 -16.67 -26.89
CA LEU A 202 -9.54 -17.10 -25.87
C LEU A 202 -9.05 -18.52 -25.61
N MET A 203 -8.64 -18.79 -24.38
CA MET A 203 -8.08 -20.10 -24.04
C MET A 203 -8.70 -20.78 -22.84
N TYR A 204 -8.55 -22.10 -22.80
CA TYR A 204 -9.05 -22.94 -21.70
C TYR A 204 -7.90 -23.82 -21.21
N PRO A 205 -8.11 -24.59 -20.13
CA PRO A 205 -7.06 -25.46 -19.60
C PRO A 205 -6.57 -26.48 -20.64
N TYR A 206 -5.34 -26.98 -20.51
CA TYR A 206 -4.39 -26.63 -19.45
C TYR A 206 -3.22 -25.84 -20.03
N GLY A 207 -2.48 -25.19 -19.15
CA GLY A 207 -1.32 -24.43 -19.58
C GLY A 207 -0.05 -25.15 -19.17
N TYR A 208 -0.12 -25.93 -18.10
CA TYR A 208 1.08 -26.63 -17.63
C TYR A 208 1.36 -27.99 -18.26
N LYS A 209 0.35 -28.59 -18.88
CA LYS A 209 0.55 -29.90 -19.51
C LYS A 209 -0.24 -30.03 -20.81
N THR A 210 0.21 -30.93 -21.68
CA THR A 210 -0.43 -31.15 -22.98
C THR A 210 -1.67 -32.04 -22.96
N GLU A 211 -1.87 -32.77 -21.88
CA GLU A 211 -3.06 -33.63 -21.75
C GLU A 211 -4.31 -32.78 -21.89
N PRO A 212 -5.23 -33.17 -22.78
CA PRO A 212 -6.46 -32.40 -22.94
C PRO A 212 -7.36 -32.48 -21.70
N VAL A 213 -8.09 -31.41 -21.42
CA VAL A 213 -9.00 -31.43 -20.29
C VAL A 213 -10.17 -32.33 -20.65
N PRO A 214 -10.81 -32.95 -19.65
CA PRO A 214 -11.94 -33.84 -19.88
C PRO A 214 -13.07 -33.17 -20.67
N ASP A 215 -13.25 -31.87 -20.48
CA ASP A 215 -14.31 -31.13 -21.16
C ASP A 215 -13.84 -30.38 -22.40
N GLN A 216 -12.73 -30.83 -22.99
CA GLN A 216 -12.17 -30.15 -24.14
C GLN A 216 -13.15 -29.87 -25.29
N ASP A 217 -13.91 -30.87 -25.71
CA ASP A 217 -14.84 -30.65 -26.81
C ASP A 217 -15.84 -29.53 -26.53
N GLU A 218 -16.45 -29.54 -25.34
CA GLU A 218 -17.42 -28.51 -25.00
C GLU A 218 -16.78 -27.12 -24.89
N LEU A 219 -15.64 -27.04 -24.21
CA LEU A 219 -14.97 -25.75 -24.05
C LEU A 219 -14.46 -25.22 -25.38
N ASP A 220 -14.02 -26.11 -26.27
CA ASP A 220 -13.53 -25.67 -27.56
C ASP A 220 -14.68 -25.13 -28.43
N GLN A 221 -15.81 -25.81 -28.41
CA GLN A 221 -16.96 -25.37 -29.18
C GLN A 221 -17.47 -24.04 -28.61
N LEU A 222 -17.43 -23.91 -27.29
CA LEU A 222 -17.88 -22.67 -26.65
C LEU A 222 -16.92 -21.53 -27.03
N SER A 223 -15.62 -21.83 -27.06
CA SER A 223 -14.63 -20.83 -27.43
C SER A 223 -14.90 -20.33 -28.85
N LYS A 224 -15.19 -21.25 -29.77
CA LYS A 224 -15.45 -20.86 -31.14
C LYS A 224 -16.68 -19.96 -31.21
N ALA A 225 -17.71 -20.30 -30.44
CA ALA A 225 -18.93 -19.48 -30.44
C ALA A 225 -18.62 -18.09 -29.90
N ALA A 226 -17.83 -18.03 -28.83
CA ALA A 226 -17.49 -16.75 -28.20
C ALA A 226 -16.65 -15.84 -29.10
N VAL A 227 -15.65 -16.39 -29.78
CA VAL A 227 -14.84 -15.54 -30.64
C VAL A 227 -15.62 -15.12 -31.87
N THR A 228 -16.61 -15.93 -32.26
CA THR A 228 -17.44 -15.58 -33.41
C THR A 228 -18.31 -14.38 -33.01
N ALA A 229 -18.83 -14.40 -31.79
CA ALA A 229 -19.63 -13.28 -31.31
C ALA A 229 -18.76 -12.02 -31.24
N LEU A 230 -17.55 -12.19 -30.71
CA LEU A 230 -16.64 -11.05 -30.58
C LEU A 230 -16.36 -10.41 -31.95
N ALA A 231 -16.08 -11.24 -32.95
CA ALA A 231 -15.77 -10.72 -34.29
C ALA A 231 -16.93 -10.03 -34.98
N SER A 232 -18.15 -10.35 -34.58
CA SER A 232 -19.33 -9.77 -35.21
C SER A 232 -19.40 -8.25 -35.17
N LEU A 233 -18.77 -7.65 -34.16
CA LEU A 233 -18.85 -6.20 -34.02
C LEU A 233 -17.91 -5.39 -34.93
N TYR A 234 -16.60 -5.63 -34.81
CA TYR A 234 -15.61 -4.90 -35.60
C TYR A 234 -14.76 -5.79 -36.50
N GLY A 235 -15.00 -7.09 -36.44
CA GLY A 235 -14.23 -8.01 -37.26
C GLY A 235 -12.93 -8.47 -36.63
N THR A 236 -12.73 -8.11 -35.37
CA THR A 236 -11.51 -8.48 -34.65
C THR A 236 -11.40 -10.00 -34.56
N LYS A 237 -10.27 -10.53 -35.01
CA LYS A 237 -10.03 -11.97 -35.01
C LYS A 237 -9.28 -12.51 -33.82
N PHE A 238 -9.89 -13.47 -33.14
CA PHE A 238 -9.30 -14.15 -31.99
C PHE A 238 -9.12 -15.63 -32.29
N ASN A 239 -7.99 -16.20 -31.91
CA ASN A 239 -7.81 -17.63 -32.10
C ASN A 239 -8.12 -18.23 -30.74
N TYR A 240 -8.24 -19.54 -30.66
CA TYR A 240 -8.58 -20.18 -29.40
C TYR A 240 -8.01 -21.59 -29.26
N GLY A 241 -8.02 -22.09 -28.02
CA GLY A 241 -7.51 -23.41 -27.73
C GLY A 241 -6.98 -23.46 -26.30
N SER A 242 -6.30 -24.54 -25.95
CA SER A 242 -5.74 -24.67 -24.61
C SER A 242 -4.60 -23.67 -24.48
N ILE A 243 -4.31 -23.24 -23.25
CA ILE A 243 -3.22 -22.29 -23.04
C ILE A 243 -1.93 -22.80 -23.67
N ILE A 244 -1.59 -24.05 -23.38
CA ILE A 244 -0.35 -24.63 -23.88
C ILE A 244 -0.25 -24.72 -25.40
N LYS A 245 -1.36 -24.96 -26.09
CA LYS A 245 -1.32 -25.04 -27.54
C LYS A 245 -1.51 -23.69 -28.22
N ALA A 246 -2.30 -22.81 -27.60
CA ALA A 246 -2.60 -21.50 -28.18
C ALA A 246 -1.53 -20.43 -27.97
N ILE A 247 -0.76 -20.52 -26.90
CA ILE A 247 0.28 -19.53 -26.68
C ILE A 247 1.59 -20.19 -26.25
N TYR A 248 1.61 -20.82 -25.07
CA TYR A 248 2.81 -21.52 -24.59
C TYR A 248 2.59 -22.17 -23.24
N GLN A 249 3.54 -23.01 -22.82
CA GLN A 249 3.41 -23.68 -21.53
C GLN A 249 3.57 -22.68 -20.40
N ALA A 250 2.67 -22.76 -19.42
CA ALA A 250 2.70 -21.88 -18.26
C ALA A 250 2.20 -22.70 -17.08
N SER A 251 3.00 -22.77 -16.02
CA SER A 251 2.62 -23.52 -14.83
C SER A 251 2.14 -22.63 -13.69
N GLY A 252 1.25 -23.15 -12.86
CA GLY A 252 0.73 -22.38 -11.75
C GLY A 252 -0.17 -21.23 -12.19
N SER A 253 -0.82 -21.38 -13.35
CA SER A 253 -1.69 -20.33 -13.85
C SER A 253 -3.09 -20.44 -13.24
N THR A 254 -3.80 -19.32 -13.22
CA THR A 254 -5.12 -19.27 -12.62
C THR A 254 -6.18 -20.29 -13.06
N ILE A 255 -6.48 -20.34 -14.35
CA ILE A 255 -7.54 -21.26 -14.76
C ILE A 255 -7.23 -22.74 -14.65
N ASP A 256 -5.95 -23.11 -14.54
CA ASP A 256 -5.64 -24.53 -14.37
C ASP A 256 -6.06 -24.89 -12.95
N TRP A 257 -5.91 -23.94 -12.03
CA TRP A 257 -6.31 -24.18 -10.64
C TRP A 257 -7.82 -24.14 -10.49
N THR A 258 -8.47 -23.12 -11.04
CA THR A 258 -9.91 -23.03 -10.91
C THR A 258 -10.58 -24.25 -11.52
N TYR A 259 -10.09 -24.70 -12.67
CA TYR A 259 -10.67 -25.88 -13.32
C TYR A 259 -10.49 -27.10 -12.43
N SER A 260 -9.33 -27.22 -11.79
CA SER A 260 -9.06 -28.35 -10.91
C SER A 260 -9.98 -28.33 -9.70
N GLN A 261 -10.57 -27.17 -9.43
CA GLN A 261 -11.48 -27.03 -8.29
C GLN A 261 -12.92 -27.36 -8.65
N GLY A 262 -13.13 -27.73 -9.91
CA GLY A 262 -14.47 -28.08 -10.35
C GLY A 262 -15.20 -27.02 -11.14
N ILE A 263 -14.54 -25.88 -11.39
CA ILE A 263 -15.18 -24.82 -12.16
C ILE A 263 -14.89 -25.16 -13.62
N LYS A 264 -15.86 -25.80 -14.27
CA LYS A 264 -15.71 -26.23 -15.65
C LYS A 264 -15.44 -25.13 -16.66
N TYR A 265 -16.23 -24.06 -16.59
CA TYR A 265 -16.08 -22.97 -17.54
C TYR A 265 -15.00 -21.99 -17.11
N SER A 266 -13.76 -22.47 -17.12
CA SER A 266 -12.61 -21.66 -16.75
C SER A 266 -11.93 -21.21 -18.04
N PHE A 267 -11.89 -19.90 -18.24
CA PHE A 267 -11.34 -19.31 -19.45
C PHE A 267 -10.40 -18.14 -19.17
N THR A 268 -9.48 -17.91 -20.10
CA THR A 268 -8.59 -16.75 -19.98
C THR A 268 -8.58 -16.06 -21.33
N PHE A 269 -8.74 -14.74 -21.30
CA PHE A 269 -8.74 -13.93 -22.52
C PHE A 269 -7.41 -13.20 -22.66
N GLU A 270 -7.06 -12.90 -23.90
CA GLU A 270 -5.89 -12.09 -24.24
C GLU A 270 -6.54 -11.08 -25.18
N LEU A 271 -6.77 -9.86 -24.71
CA LEU A 271 -7.41 -8.86 -25.54
C LEU A 271 -6.49 -8.24 -26.60
N ARG A 272 -6.97 -7.21 -27.28
CA ARG A 272 -6.20 -6.52 -28.32
C ARG A 272 -4.84 -6.03 -27.79
N ASP A 273 -3.82 -5.93 -28.64
CA ASP A 273 -3.87 -6.29 -30.05
C ASP A 273 -3.01 -7.52 -30.31
N THR A 274 -2.30 -7.58 -31.43
CA THR A 274 -1.45 -8.73 -31.65
C THR A 274 0.01 -8.34 -31.56
N GLY A 275 0.25 -7.10 -31.16
CA GLY A 275 1.61 -6.62 -31.00
C GLY A 275 1.97 -5.25 -31.55
N ARG A 276 1.14 -4.67 -32.42
CA ARG A 276 1.47 -3.36 -32.97
C ARG A 276 1.74 -2.38 -31.86
N TYR A 277 0.83 -2.33 -30.89
CA TYR A 277 0.95 -1.47 -29.73
C TYR A 277 1.21 -2.33 -28.50
N GLY A 278 0.78 -3.60 -28.56
CA GLY A 278 0.98 -4.50 -27.44
C GLY A 278 0.28 -4.00 -26.18
N PHE A 279 1.03 -3.85 -25.09
CA PHE A 279 0.45 -3.37 -23.83
C PHE A 279 0.09 -1.90 -23.89
N LEU A 280 0.73 -1.18 -24.80
CA LEU A 280 0.51 0.26 -24.93
C LEU A 280 -0.63 0.59 -25.90
N LEU A 281 -1.73 -0.14 -25.80
CA LEU A 281 -2.87 0.08 -26.67
C LEU A 281 -3.44 1.48 -26.47
N PRO A 282 -3.66 2.23 -27.56
CA PRO A 282 -4.19 3.59 -27.45
C PRO A 282 -5.53 3.62 -26.74
N ALA A 283 -5.76 4.68 -25.97
CA ALA A 283 -7.00 4.86 -25.22
C ALA A 283 -8.22 4.80 -26.13
N SER A 284 -8.08 5.26 -27.37
CA SER A 284 -9.20 5.27 -28.31
C SER A 284 -9.73 3.88 -28.62
N GLN A 285 -8.99 2.84 -28.19
CA GLN A 285 -9.41 1.47 -28.43
C GLN A 285 -9.99 0.78 -27.20
N ILE A 286 -10.06 1.50 -26.08
CA ILE A 286 -10.61 0.92 -24.85
C ILE A 286 -12.05 0.47 -25.01
N ILE A 287 -12.92 1.39 -25.39
CA ILE A 287 -14.33 1.07 -25.53
C ILE A 287 -14.58 0.01 -26.60
N PRO A 288 -13.98 0.14 -27.79
CA PRO A 288 -14.22 -0.90 -28.80
C PRO A 288 -13.77 -2.28 -28.28
N THR A 289 -12.63 -2.31 -27.59
CA THR A 289 -12.12 -3.56 -27.04
C THR A 289 -13.11 -4.12 -26.01
N ALA A 290 -13.60 -3.25 -25.13
CA ALA A 290 -14.53 -3.66 -24.09
C ALA A 290 -15.85 -4.16 -24.70
N LYS A 291 -16.36 -3.44 -25.69
CA LYS A 291 -17.62 -3.82 -26.32
C LYS A 291 -17.56 -5.18 -26.99
N GLU A 292 -16.53 -5.44 -27.79
CA GLU A 292 -16.44 -6.72 -28.46
C GLU A 292 -16.18 -7.85 -27.47
N THR A 293 -15.38 -7.57 -26.44
CA THR A 293 -15.06 -8.58 -25.44
C THR A 293 -16.32 -8.96 -24.66
N TRP A 294 -17.17 -7.97 -24.42
CA TRP A 294 -18.42 -8.20 -23.69
C TRP A 294 -19.30 -9.20 -24.46
N LEU A 295 -19.29 -9.15 -25.79
CA LEU A 295 -20.10 -10.09 -26.56
C LEU A 295 -19.61 -11.52 -26.29
N ALA A 296 -18.30 -11.70 -26.18
CA ALA A 296 -17.75 -13.02 -25.91
C ALA A 296 -18.09 -13.45 -24.48
N LEU A 297 -18.05 -12.51 -23.55
CA LEU A 297 -18.37 -12.82 -22.16
C LEU A 297 -19.85 -13.23 -22.07
N LEU A 298 -20.71 -12.56 -22.83
CA LEU A 298 -22.14 -12.89 -22.82
C LEU A 298 -22.34 -14.33 -23.31
N THR A 299 -21.55 -14.73 -24.31
CA THR A 299 -21.64 -16.07 -24.86
C THR A 299 -21.30 -17.10 -23.80
N ILE A 300 -20.24 -16.84 -23.04
CA ILE A 300 -19.82 -17.75 -21.99
C ILE A 300 -20.82 -17.78 -20.83
N MET A 301 -21.32 -16.61 -20.44
CA MET A 301 -22.25 -16.55 -19.33
C MET A 301 -23.57 -17.23 -19.68
N GLU A 302 -24.06 -17.03 -20.91
CA GLU A 302 -25.30 -17.66 -21.32
C GLU A 302 -25.14 -19.17 -21.36
N HIS A 303 -24.01 -19.65 -21.86
CA HIS A 303 -23.77 -21.08 -21.91
C HIS A 303 -23.77 -21.62 -20.49
N THR A 304 -23.13 -20.90 -19.57
CA THR A 304 -23.07 -21.30 -18.16
C THR A 304 -24.47 -21.36 -17.56
N LEU A 305 -25.25 -20.31 -17.83
CA LEU A 305 -26.61 -20.21 -17.35
C LEU A 305 -27.44 -21.41 -17.81
N ASN A 306 -27.24 -21.80 -19.06
CA ASN A 306 -27.99 -22.90 -19.66
C ASN A 306 -27.46 -24.31 -19.47
N HIS A 307 -26.39 -24.45 -18.68
CA HIS A 307 -25.82 -25.76 -18.41
C HIS A 307 -25.48 -25.88 -16.92
N PRO A 308 -26.51 -25.80 -16.07
CA PRO A 308 -26.33 -25.90 -14.61
C PRO A 308 -25.92 -27.29 -14.15
N ALA B 1 -10.86 10.11 -0.07
CA ALA B 1 -10.77 10.56 1.34
C ALA B 1 -12.03 10.19 2.12
N ARG B 2 -12.69 9.11 1.70
CA ARG B 2 -13.91 8.64 2.35
C ARG B 2 -13.59 7.90 3.64
N SER B 3 -12.62 6.99 3.56
CA SER B 3 -12.19 6.22 4.73
C SER B 3 -10.69 5.99 4.61
N THR B 4 -10.05 5.60 5.70
CA THR B 4 -8.61 5.38 5.66
C THR B 4 -8.24 4.17 4.80
N ASP B 5 -9.21 3.33 4.46
CA ASP B 5 -8.93 2.17 3.62
C ASP B 5 -8.53 2.56 2.21
N THR B 6 -9.17 3.60 1.68
CA THR B 6 -8.87 4.06 0.33
C THR B 6 -7.97 5.29 0.26
N PHE B 7 -7.49 5.74 1.41
CA PHE B 7 -6.58 6.88 1.48
C PHE B 7 -5.34 6.41 0.71
N ASN B 8 -4.70 7.32 -0.02
CA ASN B 8 -3.51 6.96 -0.79
C ASN B 8 -2.24 7.17 0.03
N TYR B 9 -1.68 6.09 0.56
CA TYR B 9 -0.48 6.16 1.38
C TYR B 9 0.79 6.30 0.55
N ALA B 10 0.64 6.17 -0.77
CA ALA B 10 1.78 6.28 -1.67
C ALA B 10 1.87 7.63 -2.39
N THR B 11 1.40 8.68 -1.73
CA THR B 11 1.51 10.02 -2.28
C THR B 11 1.73 10.98 -1.10
N TYR B 12 2.30 12.14 -1.38
CA TYR B 12 2.56 13.11 -0.32
C TYR B 12 1.33 13.98 -0.12
N HIS B 13 0.99 14.23 1.15
CA HIS B 13 -0.19 14.99 1.50
C HIS B 13 0.04 16.34 2.15
N THR B 14 -1.04 17.11 2.21
CA THR B 14 -1.01 18.43 2.82
C THR B 14 -1.33 18.31 4.30
N LEU B 15 -1.14 19.40 5.04
CA LEU B 15 -1.45 19.40 6.46
C LEU B 15 -2.93 19.07 6.66
N GLU B 16 -3.78 19.70 5.86
CA GLU B 16 -5.23 19.48 5.94
C GLU B 16 -5.58 18.01 5.75
N GLU B 17 -4.96 17.39 4.74
CA GLU B 17 -5.23 15.99 4.45
C GLU B 17 -4.78 15.06 5.56
N ILE B 18 -3.62 15.33 6.15
CA ILE B 18 -3.16 14.47 7.23
C ILE B 18 -4.03 14.65 8.48
N TYR B 19 -4.43 15.88 8.78
CA TYR B 19 -5.28 16.11 9.94
C TYR B 19 -6.66 15.44 9.74
N ASP B 20 -7.13 15.39 8.50
CA ASP B 20 -8.38 14.70 8.21
C ASP B 20 -8.20 13.20 8.48
N PHE B 21 -7.04 12.67 8.10
CA PHE B 21 -6.72 11.26 8.29
C PHE B 21 -6.77 10.94 9.79
N LEU B 22 -6.25 11.82 10.62
CA LEU B 22 -6.24 11.59 12.07
C LEU B 22 -7.66 11.38 12.57
N ASP B 23 -8.55 12.26 12.16
CA ASP B 23 -9.94 12.18 12.60
C ASP B 23 -10.64 10.95 12.04
N LEU B 24 -10.35 10.61 10.79
CA LEU B 24 -10.97 9.45 10.16
C LEU B 24 -10.51 8.16 10.84
N LEU B 25 -9.21 8.05 11.12
CA LEU B 25 -8.68 6.84 11.75
C LEU B 25 -9.30 6.65 13.14
N VAL B 26 -9.47 7.75 13.88
CA VAL B 26 -10.06 7.69 15.21
C VAL B 26 -11.54 7.28 15.12
N ALA B 27 -12.27 7.90 14.20
CA ALA B 27 -13.69 7.58 14.03
C ALA B 27 -13.90 6.12 13.68
N GLU B 28 -12.98 5.56 12.91
CA GLU B 28 -13.06 4.16 12.47
C GLU B 28 -12.58 3.17 13.51
N ASN B 29 -11.76 3.62 14.45
CA ASN B 29 -11.19 2.75 15.47
C ASN B 29 -11.31 3.41 16.85
N PRO B 30 -12.53 3.78 17.25
CA PRO B 30 -12.79 4.44 18.55
C PRO B 30 -12.27 3.74 19.80
N HIS B 31 -12.20 2.41 19.77
CA HIS B 31 -11.75 1.68 20.95
C HIS B 31 -10.25 1.42 21.00
N LEU B 32 -9.54 1.88 19.98
CA LEU B 32 -8.10 1.65 19.93
C LEU B 32 -7.28 2.92 19.76
N VAL B 33 -7.83 3.89 19.05
CA VAL B 33 -7.12 5.14 18.76
C VAL B 33 -7.83 6.40 19.22
N SER B 34 -7.05 7.33 19.77
CA SER B 34 -7.60 8.62 20.21
C SER B 34 -6.64 9.72 19.78
N LYS B 35 -7.18 10.93 19.63
CA LYS B 35 -6.39 12.09 19.24
C LYS B 35 -6.23 13.02 20.43
N ILE B 36 -4.98 13.34 20.76
CA ILE B 36 -4.68 14.23 21.87
C ILE B 36 -4.03 15.52 21.38
N GLN B 37 -4.56 16.67 21.78
CA GLN B 37 -3.94 17.91 21.38
C GLN B 37 -2.96 18.28 22.48
N ILE B 38 -1.68 18.32 22.17
CA ILE B 38 -0.68 18.64 23.19
C ILE B 38 -0.24 20.10 23.23
N GLY B 39 -0.80 20.91 22.33
CA GLY B 39 -0.44 22.32 22.31
C GLY B 39 -0.87 22.99 21.03
N ASN B 40 -0.40 24.21 20.84
CA ASN B 40 -0.69 24.98 19.64
C ASN B 40 0.64 25.54 19.14
N THR B 41 0.82 25.56 17.83
CA THR B 41 2.05 26.03 17.23
C THR B 41 2.21 27.53 17.37
N TYR B 42 3.35 28.05 16.96
CA TYR B 42 3.61 29.48 17.02
C TYR B 42 2.50 30.24 16.28
N GLU B 43 2.12 29.73 15.12
CA GLU B 43 1.09 30.36 14.29
C GLU B 43 -0.35 29.99 14.68
N GLY B 44 -0.52 29.22 15.75
CA GLY B 44 -1.85 28.88 16.22
C GLY B 44 -2.54 27.62 15.72
N ARG B 45 -1.78 26.69 15.15
CA ARG B 45 -2.38 25.45 14.68
C ARG B 45 -2.28 24.41 15.78
N PRO B 46 -3.26 23.50 15.86
CA PRO B 46 -3.18 22.48 16.92
C PRO B 46 -2.07 21.47 16.64
N ILE B 47 -1.47 20.97 17.71
CA ILE B 47 -0.39 19.96 17.62
C ILE B 47 -1.04 18.70 18.16
N TYR B 48 -1.04 17.64 17.35
CA TYR B 48 -1.70 16.39 17.73
C TYR B 48 -0.83 15.15 17.84
N VAL B 49 -1.16 14.33 18.83
CA VAL B 49 -0.51 13.05 19.04
C VAL B 49 -1.61 11.99 19.03
N LEU B 50 -1.38 10.91 18.30
CA LEU B 50 -2.34 9.80 18.27
C LEU B 50 -1.92 8.81 19.34
N LYS B 51 -2.89 8.37 20.14
CA LYS B 51 -2.60 7.40 21.19
C LYS B 51 -3.25 6.08 20.79
N PHE B 52 -2.43 5.02 20.73
CA PHE B 52 -2.93 3.69 20.41
C PHE B 52 -2.83 2.90 21.71
N SER B 53 -3.96 2.38 22.17
CA SER B 53 -3.98 1.66 23.44
C SER B 53 -5.12 0.66 23.52
N THR B 54 -4.87 -0.45 24.21
CA THR B 54 -5.87 -1.48 24.39
C THR B 54 -6.42 -1.44 25.82
N GLY B 55 -5.95 -0.47 26.60
CA GLY B 55 -6.42 -0.35 27.98
C GLY B 55 -5.39 0.15 28.96
N GLY B 56 -5.70 -0.05 30.24
CA GLY B 56 -4.80 0.38 31.31
C GLY B 56 -4.83 1.87 31.55
N SER B 57 -3.92 2.33 32.39
CA SER B 57 -3.79 3.75 32.72
C SER B 57 -2.30 4.05 32.86
N LYS B 58 -1.78 4.88 31.97
CA LYS B 58 -0.37 5.23 32.00
C LYS B 58 0.51 4.01 31.77
N ARG B 59 0.07 3.11 30.90
CA ARG B 59 0.85 1.92 30.59
C ARG B 59 2.19 2.33 30.04
N PRO B 60 3.21 1.46 30.16
CA PRO B 60 4.53 1.78 29.63
C PRO B 60 4.29 2.11 28.16
N ALA B 61 5.00 3.10 27.63
CA ALA B 61 4.73 3.50 26.26
C ALA B 61 5.90 3.74 25.35
N ILE B 62 5.61 3.67 24.05
CA ILE B 62 6.57 3.92 23.00
C ILE B 62 6.12 5.23 22.36
N TRP B 63 7.03 6.19 22.24
CA TRP B 63 6.75 7.47 21.59
C TRP B 63 7.48 7.49 20.26
N ILE B 64 6.78 7.94 19.22
CA ILE B 64 7.37 8.05 17.89
C ILE B 64 6.95 9.39 17.30
N ASP B 65 7.91 10.19 16.82
CA ASP B 65 7.53 11.43 16.17
C ASP B 65 8.15 11.50 14.79
N THR B 66 7.43 12.12 13.87
CA THR B 66 7.91 12.33 12.52
C THR B 66 7.71 13.80 12.17
N GLY B 67 8.42 14.29 11.17
CA GLY B 67 8.25 15.66 10.75
C GLY B 67 8.69 16.80 11.65
N ILE B 68 9.58 16.56 12.61
CA ILE B 68 10.01 17.68 13.44
C ILE B 68 10.67 18.71 12.50
N HIS B 69 11.31 18.23 11.42
CA HIS B 69 11.90 19.10 10.39
C HIS B 69 10.92 18.95 9.24
N SER B 70 10.24 20.04 8.90
CA SER B 70 9.18 19.97 7.92
C SER B 70 9.46 19.44 6.53
N ARG B 71 10.64 19.72 6.00
CA ARG B 71 10.98 19.29 4.64
C ARG B 71 11.23 17.80 4.45
N GLU B 72 11.33 17.05 5.55
CA GLU B 72 11.62 15.61 5.46
C GLU B 72 10.33 14.83 5.26
N TRP B 73 9.68 15.10 4.14
CA TRP B 73 8.37 14.54 3.79
C TRP B 73 8.15 13.04 3.90
N VAL B 74 9.19 12.23 3.65
CA VAL B 74 8.96 10.80 3.75
C VAL B 74 8.70 10.40 5.19
N THR B 75 9.07 11.24 6.15
CA THR B 75 8.83 10.88 7.55
C THR B 75 7.33 11.05 7.90
N GLN B 76 6.72 12.18 7.55
CA GLN B 76 5.30 12.33 7.88
C GLN B 76 4.50 11.27 7.11
N ALA B 77 4.90 11.02 5.87
CA ALA B 77 4.21 10.02 5.06
C ALA B 77 4.30 8.63 5.71
N SER B 78 5.48 8.31 6.23
CA SER B 78 5.68 7.03 6.90
C SER B 78 4.85 7.01 8.18
N GLY B 79 4.79 8.15 8.86
CA GLY B 79 4.00 8.23 10.09
C GLY B 79 2.53 7.89 9.84
N VAL B 80 1.97 8.40 8.75
CA VAL B 80 0.59 8.12 8.39
C VAL B 80 0.44 6.61 8.14
N TRP B 81 1.40 6.03 7.42
CA TRP B 81 1.34 4.60 7.15
C TRP B 81 1.44 3.78 8.45
N PHE B 82 2.33 4.19 9.37
CA PHE B 82 2.46 3.47 10.65
C PHE B 82 1.10 3.49 11.38
N ALA B 83 0.45 4.64 11.40
CA ALA B 83 -0.83 4.77 12.08
C ALA B 83 -1.83 3.75 11.56
N LYS B 84 -1.95 3.67 10.25
CA LYS B 84 -2.89 2.71 9.65
C LYS B 84 -2.44 1.28 9.94
N LYS B 85 -1.14 1.03 9.81
CA LYS B 85 -0.58 -0.30 10.04
C LYS B 85 -0.95 -0.85 11.42
N ILE B 86 -0.85 -0.01 12.43
CA ILE B 86 -1.19 -0.43 13.80
C ILE B 86 -2.63 -0.93 13.86
N THR B 87 -3.55 -0.20 13.23
CA THR B 87 -4.95 -0.59 13.25
C THR B 87 -5.21 -1.83 12.38
N GLN B 88 -4.36 -2.05 11.38
CA GLN B 88 -4.52 -3.22 10.52
C GLN B 88 -4.01 -4.48 11.19
N ASP B 89 -2.86 -4.37 11.86
CA ASP B 89 -2.25 -5.54 12.50
C ASP B 89 -2.77 -5.92 13.88
N TYR B 90 -3.31 -4.98 14.64
CA TYR B 90 -3.79 -5.35 15.96
C TYR B 90 -4.96 -6.32 15.85
N GLY B 91 -4.83 -7.45 16.52
CA GLY B 91 -5.88 -8.45 16.48
C GLY B 91 -5.76 -9.39 15.30
N GLN B 92 -4.78 -9.13 14.43
CA GLN B 92 -4.54 -9.98 13.26
C GLN B 92 -3.17 -10.62 13.36
N ASP B 93 -2.16 -9.79 13.64
CA ASP B 93 -0.79 -10.28 13.78
C ASP B 93 -0.53 -10.54 15.25
N ALA B 94 -0.30 -11.81 15.60
CA ALA B 94 -0.07 -12.18 16.99
C ALA B 94 1.06 -11.43 17.69
N ALA B 95 2.20 -11.29 17.01
CA ALA B 95 3.34 -10.60 17.60
C ALA B 95 3.03 -9.13 17.94
N PHE B 96 2.42 -8.41 16.99
CA PHE B 96 2.10 -7.02 17.27
C PHE B 96 0.99 -6.91 18.30
N THR B 97 0.04 -7.84 18.24
CA THR B 97 -1.06 -7.85 19.19
C THR B 97 -0.48 -7.94 20.60
N ALA B 98 0.56 -8.76 20.77
CA ALA B 98 1.20 -8.92 22.06
C ALA B 98 1.83 -7.62 22.52
N ILE B 99 2.44 -6.89 21.58
CA ILE B 99 3.06 -5.63 21.92
C ILE B 99 2.03 -4.62 22.43
N LEU B 100 0.96 -4.41 21.65
CA LEU B 100 -0.05 -3.43 22.04
C LEU B 100 -0.93 -3.86 23.21
N ASP B 101 -0.88 -5.13 23.57
CA ASP B 101 -1.66 -5.59 24.72
C ASP B 101 -0.94 -5.25 26.01
N THR B 102 0.32 -4.80 25.87
CA THR B 102 1.11 -4.45 27.05
C THR B 102 1.58 -3.00 27.05
N LEU B 103 1.95 -2.49 25.88
CA LEU B 103 2.43 -1.13 25.76
C LEU B 103 1.48 -0.25 24.97
N ASP B 104 1.55 1.06 25.22
CA ASP B 104 0.77 2.05 24.49
C ASP B 104 1.74 2.65 23.49
N ILE B 105 1.22 3.17 22.38
CA ILE B 105 2.06 3.83 21.39
C ILE B 105 1.52 5.23 21.16
N PHE B 106 2.40 6.21 21.22
CA PHE B 106 2.02 7.61 20.97
C PHE B 106 2.76 7.98 19.70
N LEU B 107 2.01 8.53 18.74
CA LEU B 107 2.58 8.89 17.46
C LEU B 107 2.28 10.33 17.08
N GLU B 108 3.31 11.17 16.94
CA GLU B 108 3.10 12.56 16.53
C GLU B 108 3.55 12.63 15.08
N ILE B 109 2.58 12.63 14.17
CA ILE B 109 2.86 12.62 12.74
C ILE B 109 3.40 13.91 12.15
N VAL B 110 2.79 15.04 12.51
CA VAL B 110 3.28 16.34 12.01
C VAL B 110 3.77 17.10 13.24
N THR B 111 5.04 16.89 13.57
CA THR B 111 5.60 17.50 14.75
C THR B 111 5.88 19.00 14.61
N ASN B 112 5.93 19.49 13.38
CA ASN B 112 6.20 20.90 13.07
C ASN B 112 5.15 21.31 12.02
N PRO B 113 3.89 21.55 12.47
CA PRO B 113 2.82 21.93 11.53
C PRO B 113 3.03 23.24 10.75
N ASP B 114 3.55 24.28 11.41
CA ASP B 114 3.76 25.54 10.70
C ASP B 114 4.78 25.36 9.59
N GLY B 115 5.85 24.63 9.89
CA GLY B 115 6.88 24.39 8.89
C GLY B 115 6.31 23.55 7.76
N PHE B 116 5.49 22.57 8.11
CA PHE B 116 4.90 21.69 7.10
C PHE B 116 4.02 22.50 6.15
N ALA B 117 3.19 23.37 6.70
CA ALA B 117 2.34 24.20 5.84
C ALA B 117 3.23 25.04 4.93
N PHE B 118 4.32 25.57 5.46
CA PHE B 118 5.23 26.40 4.68
C PHE B 118 5.90 25.62 3.54
N THR B 119 6.17 24.33 3.74
CA THR B 119 6.81 23.54 2.68
C THR B 119 5.85 23.33 1.51
N HIS B 120 4.56 23.46 1.77
CA HIS B 120 3.53 23.30 0.73
C HIS B 120 3.19 24.62 0.06
N SER B 121 3.22 25.70 0.83
CA SER B 121 2.84 26.99 0.30
C SER B 121 3.93 27.87 -0.26
N THR B 122 5.14 27.74 0.27
CA THR B 122 6.21 28.64 -0.10
C THR B 122 7.59 28.10 -0.38
N ASN B 123 8.09 27.24 0.51
CA ASN B 123 9.44 26.74 0.38
C ASN B 123 9.52 25.27 0.78
N ARG B 124 9.55 24.42 -0.24
CA ARG B 124 9.62 22.97 -0.06
C ARG B 124 10.75 22.50 0.85
N MET B 125 11.81 23.29 0.94
CA MET B 125 12.98 22.93 1.75
C MET B 125 13.00 23.50 3.16
N TRP B 126 11.90 24.07 3.63
CA TRP B 126 11.89 24.66 4.97
C TRP B 126 12.11 23.59 6.04
N ARG B 127 13.01 23.90 6.98
CA ARG B 127 13.41 22.99 8.06
C ARG B 127 12.97 23.37 9.47
N LYS B 128 13.10 24.65 9.77
CA LYS B 128 12.83 25.17 11.12
C LYS B 128 11.37 25.43 11.47
N THR B 129 11.16 25.97 12.67
CA THR B 129 9.81 26.36 13.09
C THR B 129 9.56 27.67 12.34
N ARG B 130 8.47 28.36 12.66
CA ARG B 130 8.18 29.63 11.98
C ARG B 130 8.09 30.80 12.97
N SER B 131 8.75 30.67 14.11
CA SER B 131 8.73 31.74 15.11
C SER B 131 9.54 32.96 14.66
N HIS B 132 9.13 34.15 15.08
CA HIS B 132 9.84 35.37 14.74
C HIS B 132 10.86 35.62 15.85
N THR B 133 12.08 35.99 15.45
CA THR B 133 13.15 36.22 16.41
C THR B 133 13.36 37.72 16.66
N ALA B 134 13.19 38.12 17.92
CA ALA B 134 13.36 39.52 18.29
C ALA B 134 14.74 40.02 17.90
N GLY B 135 14.77 41.18 17.26
CA GLY B 135 16.04 41.76 16.85
C GLY B 135 16.62 41.17 15.58
N SER B 136 15.82 40.37 14.89
CA SER B 136 16.25 39.74 13.65
C SER B 136 15.13 39.70 12.62
N LEU B 137 15.50 39.70 11.35
CA LEU B 137 14.53 39.61 10.27
C LEU B 137 14.35 38.15 9.86
N CYS B 138 15.26 37.31 10.35
CA CYS B 138 15.20 35.89 10.02
C CYS B 138 14.12 35.18 10.86
N ILE B 139 13.51 34.16 10.27
CA ILE B 139 12.43 33.44 10.92
C ILE B 139 12.78 31.98 11.22
N GLY B 140 12.34 31.49 12.37
CA GLY B 140 12.53 30.10 12.74
C GLY B 140 13.72 29.67 13.55
N VAL B 141 13.50 28.63 14.36
CA VAL B 141 14.50 28.03 15.22
C VAL B 141 14.54 26.56 14.83
N ASP B 142 15.73 25.95 14.90
CA ASP B 142 15.86 24.53 14.59
C ASP B 142 15.31 23.78 15.80
N PRO B 143 14.16 23.12 15.63
CA PRO B 143 13.59 22.39 16.77
C PRO B 143 14.50 21.27 17.28
N ASN B 144 15.46 20.84 16.46
CA ASN B 144 16.36 19.78 16.91
C ASN B 144 17.67 20.31 17.49
N ARG B 145 17.66 21.57 17.93
CA ARG B 145 18.81 22.18 18.61
C ARG B 145 18.26 22.97 19.79
N ASN B 146 16.94 22.85 20.01
CA ASN B 146 16.24 23.61 21.05
C ASN B 146 16.00 22.88 22.39
N TRP B 147 16.45 21.63 22.52
CA TRP B 147 16.24 20.86 23.75
C TRP B 147 17.29 21.12 24.82
N ASP B 148 16.90 20.95 26.08
CA ASP B 148 17.79 21.24 27.20
C ASP B 148 18.77 20.12 27.55
N ALA B 149 19.67 19.82 26.61
CA ALA B 149 20.73 18.82 26.80
C ALA B 149 21.89 19.36 25.96
N GLY B 150 22.93 19.84 26.64
CA GLY B 150 24.07 20.43 25.94
C GLY B 150 23.63 21.67 25.19
N PHE B 151 22.51 22.25 25.63
CA PHE B 151 21.96 23.42 24.95
C PHE B 151 22.89 24.59 24.73
N GLY B 152 22.92 25.08 23.48
CA GLY B 152 23.71 26.24 23.14
C GLY B 152 25.21 26.06 23.08
N LEU B 153 25.65 24.81 23.17
CA LEU B 153 27.08 24.54 23.09
C LEU B 153 27.43 24.11 21.66
N SER B 154 28.69 23.73 21.45
CA SER B 154 29.14 23.32 20.13
C SER B 154 28.18 22.29 19.52
N GLY B 155 27.80 22.52 18.26
CA GLY B 155 26.87 21.62 17.59
C GLY B 155 25.57 22.31 17.20
N ALA B 156 25.55 23.63 17.32
CA ALA B 156 24.38 24.44 16.98
C ALA B 156 24.86 25.85 16.68
N SER B 157 23.97 26.69 16.19
CA SER B 157 24.34 28.06 15.86
C SER B 157 23.57 29.12 16.63
N SER B 158 24.25 30.23 16.93
CA SER B 158 23.60 31.34 17.62
C SER B 158 23.13 32.38 16.61
N ASN B 159 23.36 32.12 15.32
CA ASN B 159 22.94 33.01 14.23
C ASN B 159 21.48 32.70 13.90
N PRO B 160 20.56 33.66 14.14
CA PRO B 160 19.13 33.44 13.87
C PRO B 160 18.80 32.94 12.47
N CYS B 161 19.64 33.30 11.51
CA CYS B 161 19.42 32.92 10.12
C CYS B 161 19.88 31.51 9.77
N SER B 162 20.68 30.92 10.65
CA SER B 162 21.20 29.58 10.44
C SER B 162 20.15 28.48 10.49
N GLU B 163 20.37 27.43 9.71
CA GLU B 163 19.46 26.29 9.67
C GLU B 163 19.52 25.52 10.98
N THR B 164 20.59 25.75 11.74
CA THR B 164 20.76 25.07 13.03
C THR B 164 20.71 26.04 14.21
N TYR B 165 20.02 27.17 14.02
CA TYR B 165 19.86 28.15 15.10
C TYR B 165 19.15 27.51 16.29
N HIS B 166 19.76 27.60 17.48
CA HIS B 166 19.20 26.98 18.67
C HIS B 166 18.13 27.78 19.42
N GLY B 167 17.93 29.04 19.06
CA GLY B 167 16.94 29.83 19.78
C GLY B 167 17.60 30.56 20.93
N LYS B 168 16.86 31.44 21.60
CA LYS B 168 17.43 32.22 22.69
C LYS B 168 17.63 31.44 23.98
N PHE B 169 16.87 30.37 24.16
CA PHE B 169 16.95 29.54 25.36
C PHE B 169 16.26 28.21 25.07
N ALA B 170 16.60 27.18 25.85
CA ALA B 170 16.01 25.86 25.65
C ALA B 170 14.49 25.89 25.80
N ASN B 171 13.82 25.11 24.94
CA ASN B 171 12.36 24.99 24.95
C ASN B 171 11.64 26.28 24.53
N SER B 172 12.36 27.21 23.91
CA SER B 172 11.71 28.45 23.46
C SER B 172 10.61 28.16 22.44
N GLU B 173 10.77 27.09 21.65
CA GLU B 173 9.76 26.76 20.64
C GLU B 173 8.63 25.96 21.25
N VAL B 174 7.40 26.46 21.09
CA VAL B 174 6.25 25.79 21.67
C VAL B 174 6.09 24.36 21.14
N GLU B 175 6.59 24.10 19.94
CA GLU B 175 6.50 22.76 19.36
C GLU B 175 7.34 21.77 20.19
N VAL B 176 8.43 22.28 20.77
CA VAL B 176 9.31 21.48 21.59
C VAL B 176 8.80 21.41 23.03
N LYS B 177 8.45 22.57 23.58
CA LYS B 177 7.94 22.61 24.95
C LYS B 177 6.70 21.73 25.10
N SER B 178 5.86 21.69 24.07
CA SER B 178 4.65 20.87 24.15
C SER B 178 5.00 19.39 24.36
N ILE B 179 6.06 18.93 23.71
CA ILE B 179 6.47 17.54 23.85
C ILE B 179 7.10 17.33 25.23
N VAL B 180 7.91 18.30 25.65
CA VAL B 180 8.57 18.22 26.95
C VAL B 180 7.50 18.08 28.04
N ASP B 181 6.49 18.94 27.98
CA ASP B 181 5.41 18.90 28.98
C ASP B 181 4.66 17.57 28.93
N PHE B 182 4.40 17.06 27.74
CA PHE B 182 3.69 15.79 27.63
C PHE B 182 4.49 14.65 28.23
N VAL B 183 5.78 14.58 27.88
CA VAL B 183 6.64 13.53 28.38
C VAL B 183 6.74 13.54 29.90
N LYS B 184 6.93 14.72 30.47
CA LYS B 184 7.06 14.82 31.92
C LYS B 184 5.74 14.51 32.62
N ASP B 185 4.63 14.97 32.05
CA ASP B 185 3.31 14.71 32.63
C ASP B 185 2.99 13.22 32.55
N HIS B 186 3.32 12.57 31.44
CA HIS B 186 3.05 11.16 31.27
C HIS B 186 3.87 10.33 32.27
N GLY B 187 5.19 10.54 32.23
CA GLY B 187 6.09 9.86 33.15
C GLY B 187 6.43 8.41 32.94
N ASN B 188 5.78 7.75 31.97
CA ASN B 188 6.07 6.34 31.76
C ASN B 188 6.42 5.95 30.32
N ILE B 189 7.11 6.85 29.62
CA ILE B 189 7.54 6.56 28.26
C ILE B 189 8.84 5.78 28.38
N LYS B 190 8.87 4.58 27.80
CA LYS B 190 10.04 3.71 27.87
C LYS B 190 10.96 3.79 26.66
N ALA B 191 10.40 4.15 25.51
CA ALA B 191 11.21 4.29 24.30
C ALA B 191 10.74 5.56 23.63
N PHE B 192 11.68 6.31 23.06
CA PHE B 192 11.35 7.57 22.39
C PHE B 192 12.13 7.57 21.08
N ILE B 193 11.38 7.58 19.98
CA ILE B 193 11.97 7.52 18.66
C ILE B 193 11.61 8.75 17.83
N SER B 194 12.62 9.54 17.48
CA SER B 194 12.40 10.75 16.70
C SER B 194 12.92 10.48 15.29
N ILE B 195 12.00 10.53 14.32
CA ILE B 195 12.31 10.17 12.94
C ILE B 195 12.56 11.34 12.00
N HIS B 196 13.69 11.26 11.28
CA HIS B 196 14.11 12.27 10.31
C HIS B 196 14.49 11.56 8.98
N SER B 197 14.81 12.37 7.99
CA SER B 197 15.41 11.90 6.73
C SER B 197 16.29 13.06 6.27
N TYR B 198 17.35 12.79 5.50
CA TYR B 198 17.73 11.44 5.04
C TYR B 198 19.17 11.08 5.47
N SER B 199 19.57 9.84 5.19
CA SER B 199 20.91 9.29 5.46
C SER B 199 20.99 7.78 5.70
N GLN B 200 19.87 7.14 6.03
CA GLN B 200 19.85 5.71 6.31
C GLN B 200 20.75 5.38 7.49
N LEU B 201 20.35 5.91 8.65
CA LEU B 201 21.09 5.73 9.90
C LEU B 201 20.13 5.48 11.05
N LEU B 202 20.58 4.75 12.06
CA LEU B 202 19.79 4.52 13.27
C LEU B 202 20.79 4.95 14.33
N MET B 203 20.44 5.96 15.12
CA MET B 203 21.39 6.46 16.11
C MET B 203 20.85 6.59 17.52
N TYR B 204 21.77 6.55 18.48
CA TYR B 204 21.46 6.69 19.89
C TYR B 204 22.34 7.84 20.44
N PRO B 205 22.17 8.21 21.72
CA PRO B 205 22.96 9.31 22.29
C PRO B 205 24.46 8.99 22.34
N TYR B 206 25.34 9.99 22.38
CA TYR B 206 24.97 11.42 22.39
C TYR B 206 25.37 12.11 21.10
N GLY B 207 24.69 13.22 20.85
CA GLY B 207 24.96 14.06 19.70
C GLY B 207 25.81 15.25 20.14
N TYR B 208 25.61 15.75 21.36
CA TYR B 208 26.36 16.94 21.79
C TYR B 208 27.75 16.72 22.37
N LYS B 209 28.05 15.50 22.80
CA LYS B 209 29.37 15.24 23.38
C LYS B 209 29.92 13.88 22.96
N THR B 210 31.24 13.72 23.05
CA THR B 210 31.90 12.48 22.66
C THR B 210 31.80 11.39 23.72
N GLU B 211 31.51 11.76 24.96
CA GLU B 211 31.39 10.79 26.03
C GLU B 211 30.35 9.73 25.67
N PRO B 212 30.73 8.45 25.75
CA PRO B 212 29.78 7.39 25.41
C PRO B 212 28.60 7.34 26.36
N VAL B 213 27.44 6.98 25.82
CA VAL B 213 26.25 6.88 26.63
C VAL B 213 26.43 5.67 27.56
N PRO B 214 25.96 5.76 28.80
CA PRO B 214 26.09 4.67 29.76
C PRO B 214 25.62 3.31 29.26
N ASP B 215 24.53 3.31 28.49
CA ASP B 215 23.98 2.06 27.95
C ASP B 215 24.44 1.78 26.53
N GLN B 216 25.61 2.29 26.15
CA GLN B 216 26.08 2.11 24.78
C GLN B 216 26.12 0.70 24.21
N ASP B 217 26.70 -0.26 24.93
CA ASP B 217 26.75 -1.61 24.38
C ASP B 217 25.37 -2.18 24.07
N GLU B 218 24.44 -2.01 25.00
CA GLU B 218 23.10 -2.52 24.80
C GLU B 218 22.38 -1.82 23.65
N LEU B 219 22.51 -0.50 23.58
CA LEU B 219 21.85 0.24 22.52
C LEU B 219 22.49 -0.05 21.17
N ASP B 220 23.79 -0.32 21.16
CA ASP B 220 24.47 -0.61 19.90
C ASP B 220 24.05 -1.98 19.40
N GLN B 221 23.96 -2.97 20.29
CA GLN B 221 23.55 -4.29 19.84
C GLN B 221 22.09 -4.25 19.37
N LEU B 222 21.26 -3.45 20.03
CA LEU B 222 19.85 -3.34 19.63
C LEU B 222 19.78 -2.68 18.26
N SER B 223 20.62 -1.69 18.03
CA SER B 223 20.64 -0.98 16.74
C SER B 223 20.99 -1.98 15.64
N LYS B 224 21.98 -2.83 15.89
CA LYS B 224 22.39 -3.83 14.90
C LYS B 224 21.21 -4.74 14.56
N ALA B 225 20.50 -5.21 15.58
CA ALA B 225 19.35 -6.08 15.34
C ALA B 225 18.26 -5.35 14.58
N ALA B 226 18.06 -4.06 14.90
CA ALA B 226 17.02 -3.27 14.23
C ALA B 226 17.32 -3.02 12.76
N VAL B 227 18.57 -2.69 12.43
CA VAL B 227 18.89 -2.44 11.03
C VAL B 227 18.91 -3.74 10.24
N THR B 228 19.20 -4.86 10.91
CA THR B 228 19.21 -6.15 10.25
C THR B 228 17.76 -6.48 9.86
N ALA B 229 16.83 -6.23 10.78
CA ALA B 229 15.42 -6.48 10.50
C ALA B 229 14.95 -5.58 9.35
N LEU B 230 15.37 -4.32 9.38
CA LEU B 230 15.00 -3.37 8.33
C LEU B 230 15.49 -3.86 6.97
N ALA B 231 16.73 -4.33 6.91
CA ALA B 231 17.30 -4.80 5.65
C ALA B 231 16.65 -6.08 5.11
N SER B 232 15.99 -6.83 5.99
CA SER B 232 15.39 -8.10 5.59
C SER B 232 14.35 -8.04 4.49
N LEU B 233 13.76 -6.87 4.24
CA LEU B 233 12.77 -6.78 3.18
C LEU B 233 13.38 -6.49 1.82
N TYR B 234 13.97 -5.31 1.69
CA TYR B 234 14.53 -4.89 0.41
C TYR B 234 16.05 -4.77 0.31
N GLY B 235 16.74 -5.08 1.41
CA GLY B 235 18.19 -4.99 1.42
C GLY B 235 18.73 -3.60 1.72
N THR B 236 17.85 -2.68 2.10
CA THR B 236 18.27 -1.32 2.40
C THR B 236 19.27 -1.33 3.55
N LYS B 237 20.41 -0.69 3.34
CA LYS B 237 21.49 -0.65 4.32
C LYS B 237 21.53 0.60 5.20
N PHE B 238 21.44 0.39 6.51
CA PHE B 238 21.50 1.46 7.50
C PHE B 238 22.75 1.27 8.35
N ASN B 239 23.48 2.36 8.61
CA ASN B 239 24.63 2.30 9.50
C ASN B 239 24.08 2.75 10.85
N TYR B 240 24.84 2.56 11.93
CA TYR B 240 24.36 2.93 13.26
C TYR B 240 25.48 3.30 14.22
N GLY B 241 25.10 3.96 15.30
CA GLY B 241 26.06 4.40 16.30
C GLY B 241 25.52 5.64 16.98
N SER B 242 26.37 6.31 17.75
CA SER B 242 25.93 7.53 18.43
C SER B 242 25.75 8.61 17.38
N ILE B 243 24.95 9.62 17.68
CA ILE B 243 24.74 10.70 16.73
C ILE B 243 26.05 11.37 16.35
N ILE B 244 26.87 11.71 17.34
CA ILE B 244 28.13 12.39 17.10
C ILE B 244 29.11 11.58 16.24
N LYS B 245 29.09 10.26 16.38
CA LYS B 245 29.98 9.42 15.59
C LYS B 245 29.40 9.04 14.23
N ALA B 246 28.09 8.79 14.19
CA ALA B 246 27.43 8.38 12.96
C ALA B 246 27.13 9.48 11.95
N ILE B 247 26.97 10.71 12.43
CA ILE B 247 26.72 11.79 11.48
C ILE B 247 27.54 13.05 11.80
N TYR B 248 27.31 13.67 12.96
CA TYR B 248 28.07 14.85 13.36
C TYR B 248 27.60 15.38 14.70
N GLN B 249 28.35 16.33 15.25
CA GLN B 249 27.97 16.91 16.53
C GLN B 249 26.73 17.78 16.39
N ALA B 250 25.78 17.59 17.29
CA ALA B 250 24.54 18.36 17.30
C ALA B 250 24.18 18.54 18.77
N SER B 251 24.03 19.79 19.21
CA SER B 251 23.69 20.07 20.60
C SER B 251 22.23 20.45 20.72
N GLY B 252 21.65 20.15 21.87
CA GLY B 252 20.25 20.47 22.08
C GLY B 252 19.30 19.61 21.26
N SER B 253 19.72 18.39 20.89
CA SER B 253 18.86 17.51 20.10
C SER B 253 17.92 16.68 20.96
N THR B 254 16.80 16.27 20.37
CA THR B 254 15.76 15.53 21.08
C THR B 254 16.13 14.33 21.93
N ILE B 255 16.77 13.32 21.34
CA ILE B 255 17.07 12.12 22.11
C ILE B 255 18.12 12.29 23.20
N ASP B 256 18.96 13.31 23.09
CA ASP B 256 19.92 13.52 24.16
C ASP B 256 19.12 13.99 25.36
N TRP B 257 18.08 14.78 25.12
CA TRP B 257 17.26 15.25 26.23
C TRP B 257 16.39 14.11 26.78
N THR B 258 15.73 13.36 25.90
CA THR B 258 14.88 12.28 26.39
C THR B 258 15.68 11.24 27.17
N TYR B 259 16.90 10.97 26.73
CA TYR B 259 17.75 10.00 27.44
C TYR B 259 18.09 10.55 28.82
N SER B 260 18.36 11.85 28.89
CA SER B 260 18.73 12.49 30.17
C SER B 260 17.58 12.43 31.17
N GLN B 261 16.36 12.24 30.66
CA GLN B 261 15.18 12.16 31.50
C GLN B 261 14.90 10.73 31.94
N GLY B 262 15.78 9.81 31.56
CA GLY B 262 15.60 8.42 31.95
C GLY B 262 14.98 7.51 30.91
N ILE B 263 14.74 8.01 29.70
CA ILE B 263 14.18 7.17 28.64
C ILE B 263 15.37 6.50 27.96
N LYS B 264 15.66 5.29 28.42
CA LYS B 264 16.77 4.51 27.95
C LYS B 264 16.80 4.25 26.45
N TYR B 265 15.68 3.82 25.90
CA TYR B 265 15.62 3.50 24.49
C TYR B 265 15.24 4.70 23.64
N SER B 266 16.16 5.65 23.62
CA SER B 266 16.01 6.89 22.87
C SER B 266 16.81 6.76 21.58
N PHE B 267 16.10 6.75 20.46
CA PHE B 267 16.69 6.58 19.14
C PHE B 267 16.20 7.60 18.14
N THR B 268 17.04 7.87 17.14
CA THR B 268 16.63 8.75 16.08
C THR B 268 16.99 8.03 14.78
N PHE B 269 16.03 7.98 13.86
CA PHE B 269 16.23 7.36 12.55
C PHE B 269 16.46 8.44 11.48
N GLU B 270 17.23 8.08 10.47
CA GLU B 270 17.41 8.92 9.28
C GLU B 270 16.95 7.95 8.20
N LEU B 271 15.78 8.18 7.63
CA LEU B 271 15.25 7.28 6.61
C LEU B 271 15.92 7.47 5.25
N ARG B 272 15.41 6.76 4.25
CA ARG B 272 15.93 6.85 2.89
C ARG B 272 15.92 8.29 2.37
N ASP B 273 16.87 8.63 1.49
CA ASP B 273 17.87 7.71 0.98
C ASP B 273 19.25 8.15 1.49
N THR B 274 20.28 8.03 0.65
CA THR B 274 21.60 8.45 1.09
C THR B 274 22.03 9.73 0.36
N GLY B 275 21.10 10.28 -0.41
CA GLY B 275 21.37 11.52 -1.13
C GLY B 275 20.95 11.63 -2.59
N ARG B 276 20.67 10.51 -3.26
CA ARG B 276 20.28 10.58 -4.66
C ARG B 276 19.12 11.56 -4.86
N TYR B 277 18.08 11.41 -4.05
CA TYR B 277 16.93 12.31 -4.09
C TYR B 277 16.92 13.13 -2.81
N GLY B 278 17.54 12.61 -1.75
CA GLY B 278 17.57 13.34 -0.49
C GLY B 278 16.17 13.57 0.07
N PHE B 279 15.83 14.82 0.35
CA PHE B 279 14.52 15.15 0.88
C PHE B 279 13.40 14.96 -0.14
N LEU B 280 13.76 14.97 -1.42
CA LEU B 280 12.80 14.84 -2.51
C LEU B 280 12.59 13.39 -2.93
N LEU B 281 12.53 12.50 -1.95
CA LEU B 281 12.32 11.09 -2.23
C LEU B 281 11.03 10.86 -3.00
N PRO B 282 11.09 10.11 -4.11
CA PRO B 282 9.88 9.87 -4.90
C PRO B 282 8.78 9.18 -4.07
N ALA B 283 7.53 9.55 -4.31
CA ALA B 283 6.40 8.97 -3.59
C ALA B 283 6.34 7.45 -3.70
N SER B 284 6.86 6.90 -4.80
CA SER B 284 6.86 5.46 -5.00
C SER B 284 7.67 4.73 -3.93
N GLN B 285 8.50 5.46 -3.19
CA GLN B 285 9.31 4.86 -2.14
C GLN B 285 8.74 5.04 -0.74
N ILE B 286 7.60 5.73 -0.61
CA ILE B 286 7.00 5.94 0.70
C ILE B 286 6.65 4.65 1.42
N ILE B 287 5.84 3.80 0.80
CA ILE B 287 5.46 2.57 1.47
C ILE B 287 6.63 1.63 1.73
N PRO B 288 7.52 1.42 0.74
CA PRO B 288 8.65 0.52 1.04
C PRO B 288 9.48 1.09 2.21
N THR B 289 9.66 2.41 2.22
CA THR B 289 10.40 3.04 3.31
C THR B 289 9.70 2.79 4.64
N ALA B 290 8.39 3.01 4.67
CA ALA B 290 7.63 2.81 5.90
C ALA B 290 7.65 1.34 6.37
N LYS B 291 7.51 0.41 5.42
CA LYS B 291 7.50 -1.00 5.76
C LYS B 291 8.81 -1.49 6.38
N GLU B 292 9.94 -1.13 5.78
CA GLU B 292 11.22 -1.59 6.33
C GLU B 292 11.50 -0.91 7.67
N THR B 293 11.14 0.36 7.79
CA THR B 293 11.35 1.09 9.03
C THR B 293 10.48 0.49 10.13
N TRP B 294 9.29 0.04 9.76
CA TRP B 294 8.37 -0.56 10.73
C TRP B 294 9.00 -1.80 11.36
N LEU B 295 9.74 -2.59 10.58
CA LEU B 295 10.37 -3.78 11.15
C LEU B 295 11.41 -3.40 12.20
N ALA B 296 12.13 -2.30 11.95
CA ALA B 296 13.13 -1.82 12.89
C ALA B 296 12.42 -1.33 14.15
N LEU B 297 11.29 -0.63 13.97
CA LEU B 297 10.53 -0.14 15.12
C LEU B 297 10.02 -1.30 15.96
N LEU B 298 9.56 -2.36 15.30
CA LEU B 298 9.07 -3.54 16.03
C LEU B 298 10.20 -4.15 16.86
N THR B 299 11.40 -4.18 16.30
CA THR B 299 12.56 -4.72 17.01
C THR B 299 12.80 -3.93 18.29
N ILE B 300 12.72 -2.60 18.17
CA ILE B 300 12.94 -1.75 19.33
C ILE B 300 11.83 -1.92 20.35
N MET B 301 10.58 -1.99 19.89
CA MET B 301 9.46 -2.14 20.81
C MET B 301 9.51 -3.46 21.55
N GLU B 302 9.87 -4.54 20.86
CA GLU B 302 9.93 -5.83 21.53
C GLU B 302 11.07 -5.87 22.57
N HIS B 303 12.19 -5.22 22.26
CA HIS B 303 13.30 -5.20 23.22
C HIS B 303 12.86 -4.39 24.44
N THR B 304 12.22 -3.26 24.17
CA THR B 304 11.73 -2.37 25.23
C THR B 304 10.77 -3.12 26.13
N LEU B 305 9.88 -3.88 25.50
CA LEU B 305 8.89 -4.67 26.19
C LEU B 305 9.54 -5.72 27.08
N ASN B 306 10.52 -6.43 26.55
CA ASN B 306 11.20 -7.48 27.30
C ASN B 306 12.35 -7.04 28.19
N HIS B 307 12.59 -5.74 28.30
CA HIS B 307 13.68 -5.24 29.15
C HIS B 307 13.28 -4.04 30.00
N PRO B 308 12.72 -4.30 31.19
CA PRO B 308 12.29 -3.23 32.10
C PRO B 308 13.46 -2.36 32.59
O42 PAY C . -3.27 -16.91 -18.69
O41 PAY C . -4.03 -15.71 -20.39
C4 PAY C . -3.20 -16.53 -19.89
C41 PAY C . -2.10 -17.04 -20.79
C32 PAY C . -0.69 -16.97 -20.12
C31 PAY C . -0.10 -15.53 -19.98
C3 PAY C . 1.07 -15.52 -19.01
O31 PAY C . 2.25 -15.56 -19.45
O32 PAY C . 0.79 -15.45 -17.78
C22 PAY C . 0.22 -14.89 -21.39
C21 PAY C . 0.87 -13.46 -21.37
C2 PAY C . 0.10 -12.53 -20.46
O21 PAY C . -0.99 -12.03 -20.84
O22 PAY C . 0.60 -12.30 -19.32
C12 PAY C . 1.06 -12.91 -22.83
C11 PAY C . 1.60 -11.43 -22.91
C10 PAY C . 1.57 -10.92 -24.38
C1 PAY C . 3.03 -11.32 -22.40
O12 PAY C . 3.99 -11.62 -23.16
O11 PAY C . 3.20 -10.90 -21.23
ZN ZN D . -0.98 -11.28 -18.42
N1 EPE E . 13.31 -3.36 -7.48
C2 EPE E . 12.33 -3.43 -8.61
C3 EPE E . 12.25 -4.82 -9.20
N4 EPE E . 13.56 -5.42 -9.61
C5 EPE E . 14.50 -5.40 -8.43
C6 EPE E . 14.63 -3.99 -7.86
C7 EPE E . 13.46 -6.82 -10.17
C8 EPE E . 12.55 -6.97 -11.41
O8 EPE E . 11.76 -5.93 -11.85
C9 EPE E . 13.44 -1.93 -6.93
C10 EPE E . 14.82 -1.77 -6.24
S EPE E . 15.14 -0.12 -5.56
O1S EPE E . 16.46 -0.22 -4.95
O2S EPE E . 14.02 0.41 -4.85
O3S EPE E . 15.46 0.82 -6.88
N1 EPE F . -20.31 -14.26 -0.08
C2 EPE F . -19.41 -15.46 -0.33
C3 EPE F . -18.06 -15.24 0.33
N4 EPE F . -17.35 -13.97 -0.08
C5 EPE F . -18.27 -12.77 0.11
C6 EPE F . -19.66 -12.97 -0.55
C7 EPE F . -16.04 -13.74 0.61
C8 EPE F . -15.10 -14.93 0.43
O8 EPE F . -13.77 -14.80 0.81
C9 EPE F . -21.70 -14.55 -0.63
C10 EPE F . -21.92 -14.03 -2.05
S EPE F . -23.60 -14.43 -2.59
O1S EPE F . -23.70 -13.90 -3.93
O2S EPE F . -24.58 -14.15 -1.58
O3S EPE F . -23.53 -16.08 -2.84
O42 PAY G . 18.57 12.23 13.61
O41 PAY G . 18.75 13.83 15.12
C4 PAY G . 19.21 13.16 14.16
C41 PAY G . 20.60 13.48 13.66
C32 PAY G . 20.87 15.01 13.50
C31 PAY G . 20.08 15.72 12.35
C3 PAY G . 20.07 17.21 12.55
O31 PAY G . 20.93 17.92 11.98
O32 PAY G . 19.15 17.69 13.27
C22 PAY G . 20.62 15.26 10.92
C21 PAY G . 19.95 15.95 9.68
C2 PAY G . 18.45 15.94 9.79
O21 PAY G . 17.80 14.90 9.57
O22 PAY G . 17.91 17.03 10.16
C12 PAY G . 20.51 15.34 8.35
C11 PAY G . 19.85 15.91 7.04
C10 PAY G . 20.30 15.07 5.80
C1 PAY G . 20.25 17.35 6.80
O12 PAY G . 21.41 17.62 6.35
O11 PAY G . 19.40 18.26 7.04
ZN ZN H . 15.96 16.36 10.41
N1 EPE I . 12.99 33.60 7.15
C2 EPE I . 13.52 34.92 6.60
C3 EPE I . 12.36 35.84 6.25
N4 EPE I . 11.34 35.23 5.31
C5 EPE I . 10.84 33.92 5.86
C6 EPE I . 11.99 32.96 6.23
C7 EPE I . 10.17 36.13 4.99
C8 EPE I . 10.64 37.48 4.41
O8 EPE I . 9.73 38.54 4.43
C9 EPE I . 14.07 32.64 7.56
C10 EPE I . 15.29 32.60 6.65
S EPE I . 16.44 31.37 7.33
O1S EPE I . 17.60 31.36 6.46
O2S EPE I . 15.77 30.15 7.69
O3S EPE I . 17.01 32.11 8.71
#